data_3WJ9
#
_entry.id   3WJ9
#
_cell.length_a   93.443
_cell.length_b   93.443
_cell.length_c   269.387
_cell.angle_alpha   90.00
_cell.angle_beta   90.00
_cell.angle_gamma   120.00
#
_symmetry.space_group_name_H-M   'P 31 2 1'
#
loop_
_entity.id
_entity.type
_entity.pdbx_description
1 polymer 'Eukaryotic translation initiation factor 2A'
2 water water
#
_entity_poly.entity_id   1
_entity_poly.type   'polypeptide(L)'
_entity_poly.pdbx_seq_one_letter_code
;SSQKSQFAYRSSKSIGLVNASENYASPPKFEAISEPARNACYSPNGKLFAYATATQVVINDTESGAKLTQLPAANTYELG
FSPLGKYLSTWERPGKEADGTPKQN(MSE)KVWNTETGQLVFSFVQRNQTGWNLQYTCDESLAARLVTNEVHFYETGN
(MSE)SKGPIAKLRVEGISDFALSPGQNHAVAVFIPEKKGAPASVRTYSIPNFNSPLSQKTFFKADKVQFKWNALGTSLL
VLTQTEVDKSNKNYYGETNLYLLGITGQFDCRVDLDREGPIHDVCWNADSKEFGIVYGY(MSE)PAKTAIFDNRANVVSI
IPPAPRNTLIFSPNSRYILLAGFGNLQGSIDIFDAANN(MSE)KKITTVEAANCTYCEFSPDSQFLLTAVTSPRLRVDNS
IKIWHITGAP(MSE)FYEEFNELYQAFWRPRPLN
;
_entity_poly.pdbx_strand_id   A,B
#
# COMPACT_ATOMS: atom_id res chain seq x y z
N GLN A 3 15.93 -8.62 -7.23
CA GLN A 3 14.77 -9.31 -7.76
C GLN A 3 13.48 -8.67 -7.23
N LYS A 4 12.93 -9.28 -6.20
CA LYS A 4 11.78 -8.74 -5.49
C LYS A 4 12.24 -8.09 -4.18
N SER A 5 11.72 -6.89 -3.89
CA SER A 5 12.07 -6.21 -2.65
C SER A 5 11.13 -6.64 -1.53
N GLN A 6 11.30 -7.87 -1.03
CA GLN A 6 10.36 -8.45 -0.08
C GLN A 6 10.62 -8.02 1.36
N PHE A 7 9.54 -7.77 2.09
CA PHE A 7 9.59 -7.55 3.53
C PHE A 7 8.47 -8.34 4.18
N ALA A 8 8.54 -8.50 5.50
CA ALA A 8 7.49 -9.20 6.25
C ALA A 8 6.75 -8.22 7.15
N TYR A 9 5.53 -8.57 7.53
CA TYR A 9 4.77 -7.75 8.46
C TYR A 9 3.94 -8.64 9.38
N ARG A 10 3.73 -8.18 10.61
CA ARG A 10 2.85 -8.86 11.53
C ARG A 10 2.08 -7.85 12.37
N SER A 11 0.79 -7.72 12.09
CA SER A 11 -0.06 -6.84 12.87
C SER A 11 -0.95 -7.67 13.78
N SER A 12 -1.65 -7.01 14.70
CA SER A 12 -2.58 -7.69 15.59
C SER A 12 -3.68 -8.40 14.80
N LYS A 13 -3.82 -8.00 13.55
CA LYS A 13 -4.90 -8.46 12.71
C LYS A 13 -4.46 -9.53 11.71
N SER A 14 -3.23 -9.40 11.21
CA SER A 14 -2.75 -10.30 10.18
C SER A 14 -1.24 -10.48 10.19
N ILE A 15 -0.76 -11.34 9.31
CA ILE A 15 0.68 -11.56 9.14
C ILE A 15 0.96 -12.08 7.73
N GLY A 16 1.96 -11.49 7.09
CA GLY A 16 2.28 -11.90 5.73
C GLY A 16 3.60 -11.40 5.21
N LEU A 17 3.98 -11.94 4.05
CA LEU A 17 5.16 -11.47 3.34
C LEU A 17 4.70 -10.64 2.16
N VAL A 18 5.46 -9.60 1.81
CA VAL A 18 5.04 -8.68 0.77
C VAL A 18 6.15 -8.41 -0.24
N ASN A 19 5.93 -8.81 -1.49
CA ASN A 19 6.88 -8.54 -2.56
C ASN A 19 6.63 -7.15 -3.15
N ALA A 20 7.43 -6.18 -2.73
CA ALA A 20 7.23 -4.78 -3.11
C ALA A 20 7.42 -4.54 -4.60
N SER A 21 8.21 -5.42 -5.25
CA SER A 21 8.40 -5.34 -6.68
C SER A 21 7.18 -5.88 -7.42
N GLU A 22 6.29 -6.57 -6.71
CA GLU A 22 5.18 -7.30 -7.34
C GLU A 22 3.79 -6.63 -7.26
N ASN A 23 3.78 -5.33 -6.99
CA ASN A 23 2.59 -4.59 -6.56
C ASN A 23 2.16 -5.00 -5.15
N TYR A 24 3.14 -5.33 -4.33
CA TYR A 24 2.95 -5.60 -2.90
C TYR A 24 2.04 -6.79 -2.64
N ALA A 25 2.31 -7.90 -3.33
CA ALA A 25 1.54 -9.13 -3.15
C ALA A 25 2.36 -10.19 -2.42
N SER A 26 1.67 -11.09 -1.72
CA SER A 26 2.34 -12.17 -1.01
C SER A 26 2.65 -13.33 -1.96
N PRO A 27 3.76 -14.04 -1.72
CA PRO A 27 4.10 -15.23 -2.49
C PRO A 27 3.00 -16.29 -2.39
N PRO A 28 2.56 -16.82 -3.54
CA PRO A 28 1.31 -17.58 -3.73
C PRO A 28 1.03 -18.70 -2.72
N LYS A 29 2.07 -19.41 -2.29
CA LYS A 29 1.87 -20.56 -1.43
C LYS A 29 1.86 -20.23 0.06
N PHE A 30 1.62 -18.96 0.40
CA PHE A 30 1.69 -18.54 1.79
C PHE A 30 0.35 -18.34 2.47
N GLU A 31 0.23 -18.91 3.66
CA GLU A 31 -0.89 -18.66 4.57
C GLU A 31 -0.49 -19.02 6.00
N ALA A 32 -1.02 -18.29 6.98
CA ALA A 32 -0.63 -18.46 8.37
C ALA A 32 -1.40 -19.60 9.06
N ILE A 33 -1.11 -19.81 10.34
CA ILE A 33 -1.78 -20.84 11.14
C ILE A 33 -3.12 -20.34 11.66
N SER A 34 -4.00 -21.27 12.02
CA SER A 34 -5.24 -20.99 12.72
C SER A 34 -5.05 -19.96 13.84
N GLU A 35 -4.08 -20.21 14.70
CA GLU A 35 -3.78 -19.31 15.80
C GLU A 35 -3.20 -17.99 15.29
N PRO A 36 -3.50 -16.89 16.01
CA PRO A 36 -2.87 -15.61 15.68
C PRO A 36 -1.38 -15.65 15.96
N ALA A 37 -0.59 -15.02 15.08
CA ALA A 37 0.86 -15.02 15.26
C ALA A 37 1.26 -14.07 16.38
N ARG A 38 2.33 -14.40 17.08
CA ARG A 38 2.79 -13.61 18.22
C ARG A 38 4.23 -13.16 18.03
N ASN A 39 4.90 -13.71 17.03
CA ASN A 39 6.28 -13.39 16.75
C ASN A 39 6.66 -13.83 15.33
N ALA A 40 7.74 -13.27 14.80
CA ALA A 40 8.20 -13.61 13.45
C ALA A 40 9.64 -13.18 13.21
N CYS A 41 10.32 -13.83 12.27
CA CYS A 41 11.70 -13.49 11.92
C CYS A 41 12.19 -14.14 10.62
N TYR A 42 13.24 -13.56 10.04
CA TYR A 42 13.90 -14.12 8.87
C TYR A 42 15.22 -14.81 9.26
N SER A 43 15.63 -15.79 8.47
CA SER A 43 16.98 -16.33 8.58
C SER A 43 17.96 -15.28 8.04
N PRO A 44 19.18 -15.24 8.59
CA PRO A 44 20.17 -14.20 8.26
C PRO A 44 20.35 -13.98 6.75
N ASN A 45 20.17 -15.03 5.96
CA ASN A 45 20.27 -14.95 4.51
C ASN A 45 18.91 -14.78 3.84
N GLY A 46 17.85 -14.73 4.64
CA GLY A 46 16.52 -14.47 4.14
C GLY A 46 15.93 -15.57 3.25
N LYS A 47 16.47 -16.78 3.35
CA LYS A 47 15.93 -17.89 2.57
C LYS A 47 14.73 -18.51 3.28
N LEU A 48 14.59 -18.23 4.58
CA LEU A 48 13.51 -18.81 5.37
C LEU A 48 12.74 -17.78 6.18
N PHE A 49 11.51 -18.13 6.53
CA PHE A 49 10.66 -17.26 7.34
C PHE A 49 9.95 -18.08 8.42
N ALA A 50 10.05 -17.63 9.67
CA ALA A 50 9.42 -18.33 10.79
C ALA A 50 8.51 -17.39 11.57
N TYR A 51 7.33 -17.88 11.94
CA TYR A 51 6.45 -17.11 12.80
C TYR A 51 5.87 -18.00 13.89
N ALA A 52 5.67 -17.41 15.06
CA ALA A 52 5.22 -18.16 16.22
C ALA A 52 3.75 -17.89 16.52
N THR A 53 3.00 -18.97 16.73
CA THR A 53 1.66 -18.90 17.26
C THR A 53 1.64 -19.68 18.56
N ALA A 54 0.52 -19.66 19.27
CA ALA A 54 0.42 -20.36 20.55
C ALA A 54 0.65 -21.86 20.40
N THR A 55 0.06 -22.45 19.37
CA THR A 55 0.10 -23.90 19.19
C THR A 55 1.41 -24.40 18.59
N GLN A 56 1.86 -23.73 17.52
CA GLN A 56 2.93 -24.25 16.68
C GLN A 56 3.91 -23.18 16.18
N VAL A 57 4.90 -23.61 15.40
CA VAL A 57 5.82 -22.70 14.73
C VAL A 57 6.01 -23.16 13.28
N VAL A 58 5.81 -22.25 12.33
CA VAL A 58 5.84 -22.62 10.92
C VAL A 58 6.99 -21.96 10.17
N ILE A 59 7.73 -22.76 9.40
CA ILE A 59 8.83 -22.28 8.58
C ILE A 59 8.45 -22.33 7.10
N ASN A 60 8.49 -21.17 6.44
CA ASN A 60 8.11 -21.07 5.04
C ASN A 60 9.29 -20.79 4.12
N ASP A 61 9.05 -20.95 2.81
CA ASP A 61 10.03 -20.58 1.79
C ASP A 61 9.71 -19.18 1.27
N THR A 62 10.66 -18.26 1.44
CA THR A 62 10.41 -16.85 1.12
C THR A 62 10.20 -16.57 -0.36
N GLU A 63 10.41 -17.58 -1.20
CA GLU A 63 10.20 -17.43 -2.63
C GLU A 63 8.77 -17.77 -3.02
N SER A 64 8.29 -18.93 -2.59
CA SER A 64 6.96 -19.38 -2.92
C SER A 64 5.94 -19.11 -1.81
N GLY A 65 6.44 -19.01 -0.58
CA GLY A 65 5.57 -18.86 0.58
C GLY A 65 5.19 -20.22 1.11
N ALA A 66 5.69 -21.26 0.45
CA ALA A 66 5.33 -22.64 0.79
C ALA A 66 5.79 -23.01 2.20
N LYS A 67 4.86 -23.55 2.98
CA LYS A 67 5.20 -24.09 4.28
C LYS A 67 6.17 -25.25 4.12
N LEU A 68 7.18 -25.29 4.97
CA LEU A 68 8.22 -26.31 4.85
C LEU A 68 8.27 -27.22 6.07
N THR A 69 8.32 -26.62 7.24
CA THR A 69 8.58 -27.36 8.48
C THR A 69 7.57 -27.02 9.57
N GLN A 70 7.27 -28.02 10.41
CA GLN A 70 6.39 -27.79 11.55
C GLN A 70 7.08 -28.13 12.88
N LEU A 71 7.12 -27.15 13.78
CA LEU A 71 7.69 -27.36 15.10
C LEU A 71 6.63 -27.26 16.19
N PRO A 72 6.51 -28.32 17.02
CA PRO A 72 5.56 -28.32 18.13
C PRO A 72 6.02 -27.44 19.29
N ALA A 73 6.35 -26.19 18.98
CA ALA A 73 6.80 -25.24 19.98
C ALA A 73 5.65 -24.33 20.42
N ALA A 74 5.23 -24.49 21.68
CA ALA A 74 4.14 -23.70 22.22
C ALA A 74 4.64 -22.67 23.22
N ASN A 75 3.82 -21.65 23.46
CA ASN A 75 4.12 -20.60 24.45
C ASN A 75 5.43 -19.87 24.17
N THR A 76 5.86 -19.86 22.92
CA THR A 76 7.12 -19.22 22.54
C THR A 76 7.03 -17.70 22.67
N TYR A 77 8.18 -17.07 22.90
CA TYR A 77 8.24 -15.61 22.95
C TYR A 77 9.32 -15.11 22.02
N GLU A 78 10.36 -15.90 21.82
CA GLU A 78 11.50 -15.50 21.00
C GLU A 78 11.92 -16.58 20.02
N LEU A 79 12.42 -16.15 18.86
CA LEU A 79 12.87 -17.06 17.81
C LEU A 79 14.21 -16.60 17.27
N GLY A 80 15.01 -17.53 16.74
CA GLY A 80 16.31 -17.19 16.23
C GLY A 80 16.87 -18.20 15.25
N PHE A 81 17.32 -17.71 14.10
CA PHE A 81 17.95 -18.56 13.09
C PHE A 81 19.46 -18.58 13.28
N SER A 82 20.05 -19.76 13.11
CA SER A 82 21.49 -19.90 13.03
C SER A 82 21.94 -19.29 11.68
N PRO A 83 23.21 -18.83 11.60
CA PRO A 83 23.72 -18.07 10.45
C PRO A 83 23.36 -18.64 9.07
N LEU A 84 23.29 -19.95 8.95
CA LEU A 84 22.94 -20.58 7.67
C LEU A 84 21.51 -21.13 7.72
N GLY A 85 20.79 -20.79 8.77
CA GLY A 85 19.39 -21.14 8.89
C GLY A 85 19.09 -22.62 8.97
N LYS A 86 20.11 -23.41 9.30
CA LYS A 86 19.91 -24.86 9.44
C LYS A 86 19.45 -25.21 10.84
N TYR A 87 19.43 -24.21 11.73
CA TYR A 87 18.93 -24.41 13.09
C TYR A 87 18.11 -23.21 13.54
N LEU A 88 17.05 -23.48 14.31
CA LEU A 88 16.18 -22.44 14.84
C LEU A 88 15.94 -22.69 16.32
N SER A 89 16.18 -21.66 17.13
CA SER A 89 16.01 -21.77 18.59
C SER A 89 14.72 -21.10 19.04
N THR A 90 14.05 -21.71 20.02
CA THR A 90 12.77 -21.21 20.51
C THR A 90 12.74 -21.04 22.03
N TRP A 91 12.66 -19.80 22.50
CA TRP A 91 12.54 -19.51 23.93
C TRP A 91 11.08 -19.60 24.37
N GLU A 92 10.81 -20.49 25.32
CA GLU A 92 9.51 -20.53 25.96
C GLU A 92 9.63 -19.92 27.36
N ARG A 93 8.50 -19.66 28.00
CA ARG A 93 8.52 -19.16 29.37
C ARG A 93 8.88 -20.32 30.30
N PRO A 94 9.88 -20.11 31.18
CA PRO A 94 10.38 -21.16 32.08
C PRO A 94 9.34 -21.72 33.03
N GLY A 95 9.61 -22.91 33.56
CA GLY A 95 8.69 -23.58 34.47
C GLY A 95 9.23 -24.89 35.02
N LYS A 96 8.38 -25.62 35.75
CA LYS A 96 8.78 -26.88 36.37
C LYS A 96 7.88 -28.04 35.96
N GLU A 97 8.50 -29.22 35.82
CA GLU A 97 7.84 -30.46 35.41
C GLU A 97 6.96 -31.10 36.48
N ALA A 98 6.07 -32.00 36.06
CA ALA A 98 5.08 -32.60 36.93
C ALA A 98 5.68 -32.98 38.29
N ASP A 99 6.81 -33.67 38.26
CA ASP A 99 7.49 -34.07 39.49
C ASP A 99 8.15 -32.89 40.18
N GLY A 100 8.48 -31.86 39.40
CA GLY A 100 9.10 -30.66 39.92
C GLY A 100 10.32 -30.23 39.14
N THR A 101 10.75 -31.08 38.20
CA THR A 101 11.92 -30.80 37.37
C THR A 101 11.74 -29.52 36.55
N PRO A 102 12.76 -28.65 36.53
CA PRO A 102 12.69 -27.48 35.64
C PRO A 102 12.55 -27.90 34.18
N LYS A 103 11.62 -27.28 33.46
CA LYS A 103 11.35 -27.67 32.09
C LYS A 103 12.35 -27.09 31.10
N GLN A 104 12.54 -27.77 29.98
CA GLN A 104 13.50 -27.34 28.97
C GLN A 104 12.90 -26.21 28.14
N ASN A 105 13.11 -25.00 28.62
CA ASN A 105 12.44 -23.81 28.10
C ASN A 105 12.77 -23.56 26.64
N MSE A 106 14.07 -23.52 26.32
CA MSE A 106 14.53 -23.32 24.96
C MSE A 106 15.12 -24.57 24.34
O MSE A 106 15.94 -25.26 24.98
CB MSE A 106 15.50 -22.12 24.92
CG MSE A 106 16.98 -22.50 24.99
SE MSE A 106 17.73 -22.53 23.17
CE MSE A 106 19.54 -21.91 23.60
N LYS A 107 14.70 -24.88 23.12
CA LYS A 107 15.09 -26.06 22.41
C LYS A 107 15.70 -25.61 21.10
N VAL A 108 16.54 -26.45 20.51
CA VAL A 108 17.09 -26.14 19.20
C VAL A 108 16.44 -27.09 18.20
N TRP A 109 16.07 -26.58 17.03
CA TRP A 109 15.36 -27.39 16.06
C TRP A 109 16.09 -27.42 14.72
N ASN A 110 15.90 -28.52 13.98
CA ASN A 110 16.36 -28.61 12.61
C ASN A 110 15.28 -28.05 11.69
N THR A 111 15.69 -27.42 10.60
CA THR A 111 14.76 -26.72 9.73
C THR A 111 14.35 -27.54 8.50
N GLU A 112 15.16 -28.52 8.12
CA GLU A 112 14.83 -29.35 6.96
C GLU A 112 14.34 -30.74 7.39
N THR A 113 14.41 -31.03 8.69
CA THR A 113 13.85 -32.29 9.18
C THR A 113 12.80 -32.09 10.27
N GLY A 114 12.83 -30.95 10.95
CA GLY A 114 11.90 -30.69 12.02
C GLY A 114 12.20 -31.55 13.23
N GLN A 115 13.46 -31.92 13.39
CA GLN A 115 13.90 -32.75 14.49
C GLN A 115 14.38 -31.90 15.67
N LEU A 116 13.86 -32.21 16.85
CA LEU A 116 14.33 -31.59 18.08
C LEU A 116 15.73 -32.09 18.39
N VAL A 117 16.74 -31.30 18.04
CA VAL A 117 18.13 -31.73 18.21
C VAL A 117 18.61 -31.55 19.66
N PHE A 118 18.08 -30.54 20.36
CA PHE A 118 18.51 -30.18 21.71
C PHE A 118 17.47 -29.42 22.53
N SER A 119 17.65 -29.39 23.85
CA SER A 119 16.77 -28.66 24.78
C SER A 119 17.44 -28.19 26.10
N PHE A 120 17.42 -26.89 26.40
CA PHE A 120 18.06 -26.40 27.60
C PHE A 120 17.06 -25.83 28.64
N VAL A 121 17.51 -25.63 29.89
CA VAL A 121 16.75 -24.89 30.90
C VAL A 121 17.39 -23.51 31.01
N GLN A 122 16.55 -22.48 31.00
CA GLN A 122 16.99 -21.09 31.09
C GLN A 122 15.87 -20.25 31.69
N ARG A 123 16.22 -19.19 32.42
CA ARG A 123 15.20 -18.30 32.95
C ARG A 123 15.26 -16.90 32.36
N ASN A 124 16.45 -16.51 31.88
CA ASN A 124 16.66 -15.19 31.29
C ASN A 124 16.07 -15.06 29.88
N GLN A 125 15.73 -13.84 29.47
CA GLN A 125 15.34 -13.62 28.09
C GLN A 125 16.52 -12.98 27.37
N THR A 126 17.34 -12.26 28.14
CA THR A 126 18.53 -11.61 27.62
C THR A 126 19.66 -12.61 27.42
N GLY A 127 20.21 -12.65 26.20
CA GLY A 127 21.27 -13.59 25.87
C GLY A 127 20.79 -15.03 25.98
N TRP A 128 19.56 -15.27 25.55
CA TRP A 128 18.94 -16.58 25.67
C TRP A 128 19.52 -17.58 24.68
N ASN A 129 19.69 -17.16 23.42
CA ASN A 129 20.05 -18.07 22.35
C ASN A 129 21.52 -18.47 22.36
N LEU A 130 21.82 -19.58 21.68
CA LEU A 130 23.20 -19.95 21.42
C LEU A 130 23.79 -18.99 20.39
N GLN A 131 25.05 -18.65 20.56
CA GLN A 131 25.76 -17.90 19.54
C GLN A 131 26.38 -18.89 18.57
N TYR A 132 26.70 -18.45 17.36
CA TYR A 132 27.25 -19.33 16.36
C TYR A 132 28.44 -18.71 15.63
N THR A 133 29.23 -19.57 15.00
CA THR A 133 30.25 -19.12 14.07
C THR A 133 29.56 -18.89 12.72
N CYS A 134 30.22 -18.18 11.81
CA CYS A 134 29.62 -17.85 10.52
C CYS A 134 29.43 -19.09 9.65
N ASP A 135 30.32 -20.07 9.79
CA ASP A 135 30.19 -21.31 9.04
C ASP A 135 29.19 -22.25 9.70
N GLU A 136 28.62 -21.81 10.83
CA GLU A 136 27.59 -22.55 11.54
C GLU A 136 28.09 -23.92 12.00
N SER A 137 29.38 -24.00 12.32
CA SER A 137 29.97 -25.27 12.75
C SER A 137 30.08 -25.35 14.27
N LEU A 138 30.09 -24.20 14.94
CA LEU A 138 30.27 -24.17 16.39
C LEU A 138 29.20 -23.32 17.08
N ALA A 139 28.72 -23.82 18.22
CA ALA A 139 27.72 -23.12 19.01
C ALA A 139 28.27 -22.83 20.41
N ALA A 140 27.66 -21.88 21.12
CA ALA A 140 28.20 -21.46 22.41
C ALA A 140 27.11 -21.14 23.45
N ARG A 141 27.21 -21.81 24.59
CA ARG A 141 26.30 -21.60 25.71
C ARG A 141 27.06 -20.92 26.85
N LEU A 142 26.34 -20.32 27.79
CA LEU A 142 26.97 -19.64 28.91
C LEU A 142 26.59 -20.21 30.26
N VAL A 143 27.57 -20.75 30.96
CA VAL A 143 27.36 -21.25 32.30
C VAL A 143 28.09 -20.32 33.25
N THR A 144 27.61 -20.24 34.49
CA THR A 144 28.34 -19.55 35.54
C THR A 144 29.79 -19.98 35.48
N ASN A 145 30.70 -19.02 35.45
CA ASN A 145 32.12 -19.32 35.62
C ASN A 145 32.57 -20.36 34.60
N GLU A 146 31.98 -20.32 33.42
CA GLU A 146 32.43 -21.21 32.35
C GLU A 146 31.68 -20.88 31.05
N VAL A 147 32.28 -21.22 29.91
CA VAL A 147 31.68 -20.99 28.59
C VAL A 147 31.85 -22.31 27.83
N HIS A 148 30.75 -22.85 27.30
CA HIS A 148 30.78 -24.11 26.57
C HIS A 148 30.76 -23.92 25.06
N PHE A 149 31.47 -24.79 24.35
CA PHE A 149 31.49 -24.79 22.90
C PHE A 149 30.96 -26.12 22.38
N TYR A 150 30.27 -26.09 21.24
CA TYR A 150 29.66 -27.29 20.68
C TYR A 150 29.99 -27.45 19.20
N GLU A 151 29.82 -28.66 18.69
CA GLU A 151 29.76 -28.89 17.25
C GLU A 151 28.30 -28.90 16.83
N THR A 152 27.92 -27.99 15.92
CA THR A 152 26.53 -27.86 15.54
C THR A 152 25.98 -29.13 14.91
N GLY A 153 26.80 -29.81 14.13
CA GLY A 153 26.43 -31.08 13.54
C GLY A 153 26.05 -32.12 14.57
N ASN A 154 26.87 -32.21 15.61
CA ASN A 154 26.63 -33.17 16.68
C ASN A 154 26.85 -32.53 18.04
N MSE A 155 25.91 -31.69 18.47
CA MSE A 155 26.05 -31.06 19.78
C MSE A 155 25.38 -31.91 20.86
O MSE A 155 25.64 -31.73 22.05
CB MSE A 155 25.48 -29.62 19.74
CG MSE A 155 23.98 -29.46 19.54
SE MSE A 155 23.42 -27.57 19.31
CE MSE A 155 23.36 -27.44 17.36
N SER A 156 24.55 -32.88 20.44
CA SER A 156 23.87 -33.78 21.37
C SER A 156 24.84 -34.52 22.28
N LYS A 157 26.03 -34.83 21.76
CA LYS A 157 27.03 -35.58 22.52
C LYS A 157 27.64 -34.76 23.64
N GLY A 158 27.53 -33.43 23.53
CA GLY A 158 28.02 -32.55 24.59
C GLY A 158 29.09 -31.58 24.13
N PRO A 159 29.58 -30.75 25.06
CA PRO A 159 30.61 -29.72 24.84
C PRO A 159 31.93 -30.30 24.33
N ILE A 160 32.30 -29.93 23.11
CA ILE A 160 33.56 -30.38 22.53
C ILE A 160 34.72 -29.59 23.12
N ALA A 161 34.38 -28.46 23.73
CA ALA A 161 35.39 -27.57 24.31
C ALA A 161 34.78 -26.68 25.39
N LYS A 162 35.62 -26.29 26.35
CA LYS A 162 35.21 -25.43 27.45
C LYS A 162 36.25 -24.33 27.64
N LEU A 163 35.88 -23.24 28.32
CA LEU A 163 36.82 -22.15 28.53
C LEU A 163 37.35 -22.11 29.96
N ARG A 164 38.64 -21.82 30.08
CA ARG A 164 39.36 -21.86 31.35
C ARG A 164 38.90 -20.84 32.38
N VAL A 165 38.82 -19.58 31.96
CA VAL A 165 38.66 -18.46 32.89
C VAL A 165 37.41 -18.56 33.76
N GLU A 166 37.47 -17.92 34.93
CA GLU A 166 36.43 -18.06 35.96
C GLU A 166 35.69 -16.74 36.18
N GLY A 167 34.43 -16.85 36.59
CA GLY A 167 33.64 -15.69 36.95
C GLY A 167 33.19 -14.91 35.74
N ILE A 168 32.83 -15.63 34.67
CA ILE A 168 32.33 -15.01 33.45
C ILE A 168 30.90 -14.51 33.61
N SER A 169 30.66 -13.22 33.30
CA SER A 169 29.29 -12.68 33.29
C SER A 169 28.60 -12.66 31.91
N ASP A 170 29.32 -12.16 30.89
CA ASP A 170 28.89 -12.20 29.49
C ASP A 170 30.04 -12.46 28.52
N PHE A 171 29.69 -12.88 27.30
CA PHE A 171 30.66 -13.18 26.24
C PHE A 171 30.11 -12.83 24.86
N ALA A 172 30.98 -12.87 23.84
CA ALA A 172 30.55 -12.62 22.47
C ALA A 172 31.51 -13.25 21.46
N LEU A 173 30.96 -14.03 20.52
CA LEU A 173 31.77 -14.72 19.52
C LEU A 173 32.27 -13.78 18.42
N SER A 174 33.13 -14.31 17.55
CA SER A 174 33.63 -13.55 16.41
C SER A 174 33.05 -14.08 15.10
N PRO A 175 32.58 -13.16 14.23
CA PRO A 175 32.00 -13.53 12.94
C PRO A 175 33.03 -13.56 11.81
N GLY A 176 34.31 -13.66 12.16
CA GLY A 176 35.36 -13.72 11.17
C GLY A 176 35.42 -15.07 10.48
N GLN A 177 36.37 -15.24 9.57
CA GLN A 177 36.57 -16.53 8.92
C GLN A 177 37.12 -17.53 9.92
N ASN A 178 38.17 -17.12 10.64
CA ASN A 178 38.70 -17.93 11.72
C ASN A 178 37.99 -17.60 13.04
N HIS A 179 37.52 -18.64 13.71
CA HIS A 179 36.64 -18.48 14.86
C HIS A 179 37.39 -17.99 16.10
N ALA A 180 36.89 -16.93 16.71
CA ALA A 180 37.48 -16.38 17.92
C ALA A 180 36.41 -15.97 18.92
N VAL A 181 36.81 -15.76 20.17
CA VAL A 181 35.86 -15.43 21.23
C VAL A 181 36.29 -14.17 21.98
N ALA A 182 35.30 -13.47 22.55
CA ALA A 182 35.54 -12.34 23.45
C ALA A 182 34.67 -12.48 24.69
N VAL A 183 35.26 -12.34 25.86
CA VAL A 183 34.58 -12.64 27.13
C VAL A 183 34.75 -11.51 28.15
N PHE A 184 33.88 -11.47 29.16
CA PHE A 184 33.91 -10.41 30.18
C PHE A 184 33.68 -10.93 31.60
N ILE A 185 34.37 -10.33 32.57
CA ILE A 185 34.28 -10.72 33.98
C ILE A 185 33.84 -9.52 34.82
N PRO A 186 32.70 -9.65 35.53
CA PRO A 186 32.14 -8.53 36.28
C PRO A 186 32.96 -8.20 37.53
N GLU A 187 32.84 -6.96 38.01
CA GLU A 187 33.62 -6.47 39.14
C GLU A 187 33.30 -7.21 40.45
N LYS A 188 34.34 -7.63 41.16
CA LYS A 188 34.16 -8.22 42.48
C LYS A 188 35.01 -7.49 43.51
N LYS A 189 35.05 -8.03 44.73
CA LYS A 189 35.82 -7.43 45.81
C LYS A 189 37.33 -7.51 45.54
N GLY A 190 38.01 -6.38 45.71
CA GLY A 190 39.45 -6.33 45.56
C GLY A 190 39.92 -6.57 44.13
N ALA A 191 39.00 -6.48 43.18
CA ALA A 191 39.32 -6.72 41.79
C ALA A 191 38.38 -5.97 40.86
N PRO A 192 38.94 -5.39 39.79
CA PRO A 192 38.13 -4.68 38.80
C PRO A 192 37.58 -5.66 37.76
N ALA A 193 36.74 -5.17 36.85
CA ALA A 193 36.22 -6.01 35.79
C ALA A 193 37.31 -6.28 34.76
N SER A 194 37.11 -7.31 33.95
CA SER A 194 38.12 -7.69 32.95
C SER A 194 37.49 -8.14 31.63
N VAL A 195 38.24 -7.92 30.54
CA VAL A 195 37.83 -8.34 29.21
C VAL A 195 38.93 -9.21 28.60
N ARG A 196 38.54 -10.28 27.91
CA ARG A 196 39.48 -11.26 27.40
C ARG A 196 39.13 -11.75 25.99
N THR A 197 40.15 -11.98 25.16
CA THR A 197 39.91 -12.57 23.85
C THR A 197 40.73 -13.86 23.68
N TYR A 198 40.15 -14.83 23.00
CA TYR A 198 40.79 -16.12 22.75
C TYR A 198 40.52 -16.61 21.33
N SER A 199 41.53 -17.21 20.71
CA SER A 199 41.30 -17.98 19.49
C SER A 199 40.75 -19.33 19.90
N ILE A 200 39.80 -19.86 19.13
CA ILE A 200 39.16 -21.12 19.49
C ILE A 200 40.16 -22.29 19.41
N PRO A 201 40.99 -22.33 18.36
CA PRO A 201 42.14 -23.23 18.42
C PRO A 201 42.98 -23.07 19.71
N ASN A 202 43.32 -21.84 20.03
CA ASN A 202 44.12 -21.58 21.21
C ASN A 202 43.25 -21.18 22.38
N PHE A 203 42.95 -22.16 23.21
CA PHE A 203 42.42 -21.94 24.55
C PHE A 203 43.60 -21.63 25.48
N ASN A 204 44.72 -22.26 25.19
CA ASN A 204 45.89 -22.18 26.02
C ASN A 204 46.47 -20.77 26.03
N SER A 205 46.44 -20.14 24.86
CA SER A 205 47.12 -18.87 24.67
C SER A 205 46.15 -17.72 24.42
N PRO A 206 45.90 -16.90 25.44
CA PRO A 206 45.06 -15.69 25.31
C PRO A 206 45.60 -14.77 24.22
N LEU A 207 44.73 -13.92 23.68
CA LEU A 207 45.16 -12.96 22.68
C LEU A 207 45.08 -11.56 23.25
N SER A 208 44.33 -11.42 24.35
CA SER A 208 44.22 -10.15 25.05
C SER A 208 43.85 -10.41 26.51
N GLN A 209 44.45 -9.69 27.45
CA GLN A 209 44.03 -9.85 28.84
C GLN A 209 44.05 -8.50 29.52
N LYS A 210 42.90 -7.85 29.52
CA LYS A 210 42.76 -6.47 29.98
C LYS A 210 41.79 -6.40 31.16
N THR A 211 41.98 -5.41 32.03
CA THR A 211 41.08 -5.24 33.17
C THR A 211 40.52 -3.81 33.21
N PHE A 212 39.32 -3.68 33.78
CA PHE A 212 38.61 -2.40 33.78
C PHE A 212 37.89 -2.13 35.10
N PHE A 213 37.78 -0.86 35.46
CA PHE A 213 37.34 -0.44 36.79
C PHE A 213 35.98 0.23 36.76
N LYS A 214 35.30 0.18 37.91
CA LYS A 214 33.95 0.70 38.03
C LYS A 214 33.08 0.13 36.93
N ALA A 215 33.29 -1.15 36.63
CA ALA A 215 32.59 -1.80 35.53
C ALA A 215 31.80 -3.01 35.99
N ASP A 216 30.48 -2.87 36.02
CA ASP A 216 29.60 -3.96 36.37
C ASP A 216 29.09 -4.64 35.11
N LYS A 217 29.02 -3.86 34.03
CA LYS A 217 28.48 -4.33 32.76
C LYS A 217 29.48 -4.14 31.62
N VAL A 218 29.07 -4.55 30.42
CA VAL A 218 29.90 -4.41 29.24
C VAL A 218 29.05 -4.52 27.97
N GLN A 219 29.62 -4.15 26.83
CA GLN A 219 28.95 -4.33 25.54
C GLN A 219 29.97 -4.58 24.44
N PHE A 220 29.85 -5.71 23.75
CA PHE A 220 30.77 -6.09 22.70
C PHE A 220 30.23 -5.76 21.31
N LYS A 221 31.12 -5.40 20.40
CA LYS A 221 30.71 -5.07 19.04
C LYS A 221 31.77 -5.44 18.01
N TRP A 222 31.83 -6.72 17.64
CA TRP A 222 32.70 -7.17 16.56
C TRP A 222 32.25 -6.56 15.23
N ASN A 223 33.15 -6.54 14.26
CA ASN A 223 32.78 -6.15 12.90
C ASN A 223 32.68 -7.37 11.99
N ALA A 224 32.10 -7.19 10.80
CA ALA A 224 31.89 -8.28 9.86
C ALA A 224 33.14 -9.13 9.68
N LEU A 225 34.28 -8.47 9.62
CA LEU A 225 35.56 -9.14 9.67
C LEU A 225 35.97 -9.29 11.13
N GLY A 226 36.08 -10.54 11.60
CA GLY A 226 36.37 -10.79 13.00
C GLY A 226 37.78 -10.44 13.42
N THR A 227 38.17 -9.18 13.21
CA THR A 227 39.50 -8.73 13.52
C THR A 227 39.51 -7.69 14.64
N SER A 228 38.59 -6.74 14.57
CA SER A 228 38.54 -5.65 15.54
C SER A 228 37.31 -5.77 16.45
N LEU A 229 37.37 -5.13 17.62
CA LEU A 229 36.30 -5.31 18.60
C LEU A 229 36.10 -4.13 19.54
N LEU A 230 34.94 -3.48 19.43
CA LEU A 230 34.57 -2.38 20.31
C LEU A 230 34.06 -2.89 21.66
N VAL A 231 34.46 -2.20 22.73
CA VAL A 231 34.05 -2.57 24.09
C VAL A 231 33.46 -1.36 24.80
N LEU A 232 32.33 -1.54 25.48
CA LEU A 232 31.65 -0.43 26.13
C LEU A 232 31.37 -0.70 27.61
N THR A 233 31.96 0.11 28.48
CA THR A 233 31.71 0.02 29.91
C THR A 233 30.46 0.82 30.28
N GLN A 234 29.48 0.12 30.84
CA GLN A 234 28.24 0.76 31.26
C GLN A 234 27.76 0.23 32.60
N ASP A 238 25.84 3.04 36.95
CA ASP A 238 24.77 4.01 36.99
C ASP A 238 25.29 5.45 36.91
N LYS A 239 26.48 5.68 37.42
CA LYS A 239 27.02 7.04 37.54
C LYS A 239 27.90 7.44 36.36
N SER A 240 28.49 6.46 35.67
CA SER A 240 29.38 6.75 34.55
C SER A 240 29.36 5.66 33.48
N ASN A 241 29.76 6.07 32.29
CA ASN A 241 29.90 5.18 31.15
C ASN A 241 31.14 5.60 30.40
N LYS A 242 31.95 4.63 30.00
CA LYS A 242 33.09 4.91 29.13
C LYS A 242 33.27 3.81 28.07
N ASN A 243 33.86 4.19 26.94
CA ASN A 243 33.98 3.35 25.76
C ASN A 243 35.43 2.90 25.50
N TYR A 244 35.63 1.61 25.29
CA TYR A 244 36.98 1.07 25.03
C TYR A 244 37.07 0.35 23.68
N TYR A 245 38.28 -0.09 23.33
CA TYR A 245 38.52 -0.75 22.05
C TYR A 245 39.54 -1.88 22.22
N GLY A 246 39.24 -3.03 21.61
CA GLY A 246 40.15 -4.16 21.59
C GLY A 246 40.35 -4.65 20.17
N GLU A 247 41.58 -4.96 19.80
CA GLU A 247 41.89 -5.28 18.41
C GLU A 247 42.78 -6.53 18.29
N THR A 248 42.15 -7.68 18.07
CA THR A 248 42.89 -8.94 17.92
C THR A 248 42.92 -9.40 16.47
N THR A 256 44.82 -8.72 21.22
CA THR A 256 46.19 -8.39 20.84
C THR A 256 46.70 -7.16 21.58
N GLY A 257 46.17 -6.93 22.77
CA GLY A 257 46.62 -5.84 23.62
C GLY A 257 46.56 -4.47 22.97
N GLN A 258 45.49 -4.20 22.23
CA GLN A 258 45.34 -2.91 21.55
C GLN A 258 44.16 -2.09 22.05
N PHE A 259 44.45 -0.87 22.50
CA PHE A 259 43.42 0.11 22.86
C PHE A 259 43.49 1.27 21.87
N ASP A 260 42.36 1.90 21.60
CA ASP A 260 42.32 3.08 20.74
C ASP A 260 41.07 3.92 21.03
N LEU A 265 33.39 11.42 22.77
CA LEU A 265 34.07 11.98 23.93
C LEU A 265 34.18 13.49 23.84
N ASP A 266 34.07 14.02 22.61
CA ASP A 266 34.15 15.45 22.36
C ASP A 266 33.05 16.22 23.10
N ARG A 267 31.98 15.50 23.43
CA ARG A 267 30.86 16.08 24.16
C ARG A 267 30.57 15.22 25.39
N GLU A 268 30.58 15.85 26.56
CA GLU A 268 30.35 15.09 27.79
C GLU A 268 28.90 14.64 27.86
N GLY A 269 28.70 13.37 28.21
CA GLY A 269 27.37 12.80 28.27
C GLY A 269 27.34 11.39 27.71
N PRO A 270 26.14 10.79 27.64
CA PRO A 270 25.99 9.40 27.21
C PRO A 270 26.21 9.19 25.72
N ILE A 271 26.65 7.99 25.35
CA ILE A 271 26.68 7.59 23.95
C ILE A 271 25.33 6.97 23.61
N HIS A 272 24.71 7.45 22.54
CA HIS A 272 23.34 7.04 22.21
C HIS A 272 23.32 5.81 21.29
N ASP A 273 24.35 5.67 20.46
CA ASP A 273 24.41 4.55 19.53
C ASP A 273 25.85 4.26 19.11
N VAL A 274 26.17 2.98 18.97
CA VAL A 274 27.47 2.57 18.45
C VAL A 274 27.27 1.57 17.32
N CYS A 275 27.92 1.82 16.18
CA CYS A 275 27.67 1.02 14.98
C CYS A 275 28.87 0.93 14.05
N TRP A 276 29.19 -0.29 13.63
CA TRP A 276 30.23 -0.52 12.63
C TRP A 276 29.72 -0.21 11.24
N ASN A 277 30.60 -0.28 10.25
CA ASN A 277 30.17 -0.21 8.85
C ASN A 277 30.19 -1.61 8.24
N ALA A 278 29.34 -1.83 7.25
CA ALA A 278 29.21 -3.13 6.60
C ALA A 278 30.55 -3.63 6.03
N ASP A 279 31.34 -2.70 5.49
CA ASP A 279 32.64 -3.05 4.92
C ASP A 279 33.72 -3.21 5.99
N SER A 280 33.32 -3.04 7.25
CA SER A 280 34.21 -3.14 8.41
C SER A 280 35.35 -2.12 8.37
N LYS A 281 35.24 -1.13 7.49
CA LYS A 281 36.30 -0.14 7.33
C LYS A 281 36.08 1.08 8.22
N GLU A 282 34.82 1.47 8.38
CA GLU A 282 34.48 2.63 9.19
C GLU A 282 33.52 2.28 10.32
N PHE A 283 33.30 3.25 11.21
CA PHE A 283 32.28 3.14 12.25
C PHE A 283 31.96 4.52 12.80
N GLY A 284 30.80 4.66 13.44
CA GLY A 284 30.35 5.94 13.92
C GLY A 284 29.78 5.92 15.32
N ILE A 285 29.67 7.10 15.94
CA ILE A 285 29.18 7.23 17.30
C ILE A 285 28.23 8.41 17.46
N VAL A 286 27.08 8.16 18.08
CA VAL A 286 26.17 9.23 18.47
C VAL A 286 26.25 9.41 19.98
N TYR A 287 26.77 10.55 20.41
CA TYR A 287 27.19 10.72 21.80
C TYR A 287 26.85 12.09 22.40
N GLY A 288 26.85 12.14 23.73
CA GLY A 288 26.69 13.40 24.45
C GLY A 288 25.26 13.83 24.65
N TYR A 289 25.05 14.80 25.53
CA TYR A 289 23.72 15.36 25.74
C TYR A 289 23.26 16.07 24.47
N MSE A 290 21.97 15.99 24.18
CA MSE A 290 21.40 16.53 22.95
C MSE A 290 21.50 18.03 22.87
O MSE A 290 21.45 18.68 23.94
CB MSE A 290 19.91 16.18 22.90
CG MSE A 290 19.67 14.76 23.37
SE MSE A 290 19.64 13.58 21.80
CE MSE A 290 18.74 12.04 22.63
N PRO A 291 21.65 18.60 21.68
CA PRO A 291 21.65 17.87 20.41
C PRO A 291 22.93 17.07 20.20
N ALA A 292 22.78 15.78 19.95
CA ALA A 292 23.92 14.87 19.93
C ALA A 292 24.77 15.08 18.68
N LYS A 293 26.08 15.20 18.89
CA LYS A 293 27.01 15.26 17.78
C LYS A 293 27.29 13.85 17.30
N THR A 294 27.86 13.72 16.11
CA THR A 294 28.17 12.40 15.53
C THR A 294 29.54 12.40 14.87
N ALA A 295 30.31 11.35 15.09
CA ALA A 295 31.65 11.23 14.51
C ALA A 295 31.85 9.90 13.78
N ILE A 296 32.40 9.96 12.57
CA ILE A 296 32.71 8.75 11.81
C ILE A 296 34.21 8.46 11.89
N PHE A 297 34.57 7.21 12.11
CA PHE A 297 35.98 6.82 12.22
C PHE A 297 36.38 5.84 11.12
N ASP A 298 37.63 5.41 11.24
CA ASP A 298 38.26 4.42 10.38
C ASP A 298 38.66 3.29 11.33
N ASN A 299 39.33 2.28 10.80
CA ASN A 299 39.51 0.98 11.47
C ASN A 299 40.53 1.41 12.53
N ARG A 300 41.29 2.44 12.20
CA ARG A 300 42.07 3.18 13.18
C ARG A 300 41.09 4.11 13.89
N ALA A 301 41.36 4.46 15.14
CA ALA A 301 40.43 5.33 15.85
C ALA A 301 40.71 6.78 15.50
N ASN A 302 40.49 7.11 14.23
CA ASN A 302 40.67 8.47 13.72
C ASN A 302 39.42 8.98 13.01
N VAL A 303 39.02 10.20 13.33
CA VAL A 303 37.81 10.78 12.75
C VAL A 303 37.90 10.97 11.24
N VAL A 304 36.79 10.72 10.55
CA VAL A 304 36.67 10.92 9.12
C VAL A 304 35.66 12.03 8.88
N SER A 305 34.65 12.07 9.73
CA SER A 305 33.53 13.01 9.60
C SER A 305 33.01 13.44 10.96
N ILE A 306 32.63 14.71 11.09
CA ILE A 306 32.03 15.21 12.31
C ILE A 306 30.68 15.84 12.00
N ILE A 307 29.60 15.08 12.21
CA ILE A 307 28.26 15.60 11.98
C ILE A 307 27.83 16.46 13.16
N PRO A 308 27.49 17.72 12.90
CA PRO A 308 27.20 18.71 13.93
C PRO A 308 25.98 18.41 14.81
N PRO A 309 26.02 18.83 16.07
CA PRO A 309 24.96 18.53 17.03
C PRO A 309 23.56 18.65 16.43
N ALA A 310 22.78 17.58 16.54
CA ALA A 310 21.42 17.53 16.00
C ALA A 310 20.57 16.59 16.87
N PRO A 311 19.25 16.71 16.77
CA PRO A 311 18.40 15.94 17.67
C PRO A 311 18.32 14.51 17.16
N ARG A 312 19.41 13.78 17.37
CA ARG A 312 19.54 12.41 16.89
C ARG A 312 20.01 11.46 18.00
N ASN A 313 19.52 10.23 17.96
CA ASN A 313 19.89 9.23 18.96
C ASN A 313 20.21 7.87 18.35
N THR A 314 20.28 7.81 17.02
CA THR A 314 20.41 6.54 16.32
C THR A 314 21.18 6.68 15.02
N LEU A 315 22.16 5.81 14.83
CA LEU A 315 22.98 5.81 13.62
C LEU A 315 22.90 4.47 12.89
N ILE A 316 22.78 4.50 11.57
CA ILE A 316 22.74 3.28 10.77
C ILE A 316 23.54 3.43 9.48
N PHE A 317 24.39 2.44 9.20
CA PHE A 317 25.12 2.39 7.93
C PHE A 317 24.35 1.58 6.90
N SER A 318 24.39 2.00 5.64
CA SER A 318 23.78 1.25 4.56
C SER A 318 24.58 -0.01 4.30
N PRO A 319 23.90 -1.09 3.88
CA PRO A 319 24.52 -2.37 3.55
C PRO A 319 25.68 -2.23 2.54
N ASN A 320 25.56 -1.29 1.62
CA ASN A 320 26.61 -1.07 0.62
C ASN A 320 27.73 -0.18 1.15
N SER A 321 27.64 0.16 2.43
CA SER A 321 28.64 1.00 3.10
C SER A 321 28.84 2.36 2.43
N ARG A 322 27.86 2.80 1.66
CA ARG A 322 27.95 4.10 0.99
C ARG A 322 27.19 5.18 1.77
N TYR A 323 26.00 4.83 2.25
CA TYR A 323 25.12 5.80 2.91
C TYR A 323 25.16 5.68 4.42
N ILE A 324 25.00 6.82 5.10
CA ILE A 324 24.95 6.85 6.55
C ILE A 324 23.67 7.53 7.03
N LEU A 325 22.91 6.83 7.86
CA LEU A 325 21.62 7.32 8.34
C LEU A 325 21.75 7.91 9.74
N LEU A 326 21.01 8.99 10.00
CA LEU A 326 21.03 9.62 11.32
C LEU A 326 19.62 10.04 11.70
N ALA A 327 19.07 9.40 12.74
CA ALA A 327 17.66 9.58 13.08
C ALA A 327 17.44 9.80 14.57
N GLY A 328 16.21 10.17 14.91
CA GLY A 328 15.81 10.35 16.29
C GLY A 328 14.57 9.54 16.61
N PHE A 329 14.74 8.49 17.41
CA PHE A 329 13.64 7.59 17.75
C PHE A 329 13.31 7.64 19.24
N GLY A 330 12.21 6.99 19.62
CA GLY A 330 11.81 6.91 21.01
C GLY A 330 10.96 8.07 21.47
N ASN A 331 10.58 8.93 20.53
CA ASN A 331 9.86 10.15 20.84
C ASN A 331 9.21 10.73 19.58
N LEU A 332 8.42 11.79 19.75
CA LEU A 332 7.78 12.45 18.62
C LEU A 332 8.80 13.28 17.85
N GLN A 333 8.36 13.85 16.73
CA GLN A 333 9.21 14.70 15.89
C GLN A 333 10.50 13.99 15.48
N GLY A 334 10.37 12.73 15.07
CA GLY A 334 11.52 11.93 14.71
C GLY A 334 11.89 12.04 13.25
N SER A 335 12.86 12.90 12.95
CA SER A 335 13.30 13.10 11.58
C SER A 335 14.38 12.08 11.19
N ILE A 336 14.74 12.07 9.91
CA ILE A 336 15.78 11.18 9.40
C ILE A 336 16.66 11.90 8.39
N ASP A 337 17.98 11.79 8.56
CA ASP A 337 18.94 12.34 7.61
C ASP A 337 19.79 11.23 7.02
N ILE A 338 20.17 11.38 5.75
CA ILE A 338 21.04 10.38 5.10
C ILE A 338 22.26 11.04 4.48
N PHE A 339 23.44 10.61 4.92
CA PHE A 339 24.70 11.19 4.48
C PHE A 339 25.48 10.21 3.60
N ASP A 340 26.43 10.73 2.84
CA ASP A 340 27.15 9.93 1.85
C ASP A 340 28.67 10.00 2.08
N ALA A 341 29.24 8.89 2.53
CA ALA A 341 30.68 8.80 2.77
C ALA A 341 31.48 9.05 1.49
N ALA A 342 30.93 8.61 0.36
CA ALA A 342 31.63 8.73 -0.92
C ALA A 342 31.63 10.17 -1.47
N ASN A 343 30.66 10.98 -1.07
CA ASN A 343 30.47 12.31 -1.65
C ASN A 343 30.96 13.48 -0.77
N ASN A 344 31.85 13.19 0.18
CA ASN A 344 32.29 14.14 1.22
C ASN A 344 31.13 14.40 2.17
N MSE A 345 30.55 13.35 2.72
CA MSE A 345 29.60 13.49 3.80
C MSE A 345 28.53 14.47 3.44
O MSE A 345 28.07 15.22 4.33
CB MSE A 345 30.32 13.88 5.08
CG MSE A 345 29.75 13.14 6.29
SE MSE A 345 29.66 11.20 5.97
CE MSE A 345 29.02 10.67 7.74
N LYS A 346 28.10 14.50 2.18
CA LYS A 346 26.95 15.33 1.79
C LYS A 346 25.67 14.71 2.32
N LYS A 347 24.71 15.56 2.64
CA LYS A 347 23.36 15.07 2.89
C LYS A 347 22.58 15.17 1.58
N ILE A 348 21.88 14.08 1.25
CA ILE A 348 21.11 14.02 0.01
C ILE A 348 19.63 13.98 0.30
N THR A 349 19.29 13.70 1.56
CA THR A 349 17.91 13.46 1.94
C THR A 349 17.63 13.78 3.40
N THR A 350 16.54 14.50 3.63
CA THR A 350 15.99 14.67 4.97
C THR A 350 14.51 14.32 4.94
N VAL A 351 14.12 13.30 5.69
CA VAL A 351 12.72 12.95 5.84
C VAL A 351 12.37 12.91 7.32
N GLU A 352 11.09 13.02 7.63
CA GLU A 352 10.66 12.85 9.01
C GLU A 352 9.75 11.65 9.14
N ALA A 353 9.94 10.90 10.21
CA ALA A 353 9.06 9.81 10.56
C ALA A 353 8.79 9.87 12.05
N ALA A 354 7.86 10.74 12.43
CA ALA A 354 7.48 10.94 13.82
C ALA A 354 7.07 9.61 14.44
N ASN A 355 7.48 9.40 15.68
CA ASN A 355 7.13 8.20 16.43
C ASN A 355 7.65 6.90 15.82
N CYS A 356 8.59 7.02 14.89
CA CYS A 356 9.19 5.85 14.25
C CYS A 356 9.95 5.03 15.29
N THR A 357 9.64 3.73 15.34
CA THR A 357 10.25 2.85 16.33
C THR A 357 11.16 1.82 15.66
N TYR A 358 11.21 1.87 14.33
CA TYR A 358 12.02 0.94 13.56
C TYR A 358 12.35 1.49 12.17
N CYS A 359 13.62 1.39 11.78
CA CYS A 359 14.05 1.86 10.47
C CYS A 359 15.18 0.98 9.93
N GLU A 360 15.18 0.77 8.61
CA GLU A 360 16.11 -0.18 8.01
C GLU A 360 16.25 0.02 6.51
N PHE A 361 17.49 -0.02 6.02
CA PHE A 361 17.76 -0.01 4.59
C PHE A 361 17.29 -1.31 3.94
N SER A 362 16.88 -1.22 2.69
CA SER A 362 16.65 -2.41 1.88
C SER A 362 18.01 -3.06 1.65
N PRO A 363 18.03 -4.39 1.41
CA PRO A 363 19.27 -5.13 1.14
C PRO A 363 20.20 -4.44 0.14
N ASP A 364 19.64 -3.79 -0.87
CA ASP A 364 20.44 -3.16 -1.91
C ASP A 364 20.77 -1.71 -1.60
N SER A 365 20.45 -1.29 -0.37
CA SER A 365 20.76 0.06 0.13
C SER A 365 20.10 1.18 -0.66
N GLN A 366 19.13 0.83 -1.50
CA GLN A 366 18.49 1.82 -2.36
C GLN A 366 17.18 2.33 -1.77
N PHE A 367 16.53 1.51 -0.96
CA PHE A 367 15.28 1.92 -0.35
C PHE A 367 15.43 2.04 1.16
N LEU A 368 14.36 2.50 1.82
CA LEU A 368 14.38 2.68 3.25
C LEU A 368 13.00 2.41 3.84
N LEU A 369 12.95 1.53 4.82
CA LEU A 369 11.69 1.21 5.49
C LEU A 369 11.63 1.94 6.83
N THR A 370 10.46 2.46 7.17
CA THR A 370 10.22 3.00 8.50
C THR A 370 8.89 2.46 9.00
N ALA A 371 8.75 2.32 10.32
CA ALA A 371 7.51 1.82 10.89
C ALA A 371 7.26 2.44 12.26
N VAL A 372 6.02 2.36 12.71
CA VAL A 372 5.65 2.74 14.07
C VAL A 372 4.94 1.55 14.70
N THR A 373 5.47 1.06 15.82
CA THR A 373 5.02 -0.23 16.34
C THR A 373 4.47 -0.21 17.76
N SER A 374 3.58 -1.16 18.02
CA SER A 374 3.03 -1.44 19.34
C SER A 374 3.80 -2.64 19.89
N PRO A 375 3.97 -2.73 21.22
CA PRO A 375 3.48 -1.83 22.27
C PRO A 375 4.42 -0.66 22.58
N ARG A 376 5.45 -0.44 21.77
CA ARG A 376 6.30 0.74 21.95
C ARG A 376 5.47 1.99 21.66
N LEU A 377 4.38 1.82 20.91
CA LEU A 377 3.41 2.89 20.70
C LEU A 377 2.05 2.32 20.33
N ARG A 378 1.01 2.75 21.06
CA ARG A 378 -0.33 2.21 20.86
C ARG A 378 -1.19 3.08 19.94
N VAL A 379 -0.55 4.04 19.28
CA VAL A 379 -1.26 4.91 18.34
C VAL A 379 -0.44 5.15 17.07
N ASP A 380 -1.14 5.31 15.95
CA ASP A 380 -0.54 5.67 14.66
C ASP A 380 0.43 4.62 14.10
N ASN A 381 0.11 3.34 14.28
CA ASN A 381 0.95 2.28 13.73
C ASN A 381 0.88 2.22 12.21
N SER A 382 2.02 2.09 11.56
CA SER A 382 2.08 2.14 10.10
C SER A 382 3.36 1.57 9.50
N ILE A 383 3.36 1.45 8.17
CA ILE A 383 4.55 1.08 7.41
C ILE A 383 4.75 2.08 6.28
N LYS A 384 5.99 2.52 6.08
CA LYS A 384 6.31 3.39 4.95
C LYS A 384 7.66 3.04 4.36
N ILE A 385 7.69 2.78 3.05
CA ILE A 385 8.93 2.50 2.34
C ILE A 385 9.35 3.73 1.54
N TRP A 386 10.60 4.15 1.69
CA TRP A 386 11.10 5.37 1.06
C TRP A 386 12.19 5.06 0.05
N HIS A 387 12.32 5.90 -0.98
CA HIS A 387 13.50 5.85 -1.82
C HIS A 387 14.68 6.43 -1.05
N ILE A 388 15.89 6.26 -1.58
CA ILE A 388 17.07 6.83 -0.94
C ILE A 388 17.14 8.33 -1.24
N THR A 389 16.29 8.77 -2.15
CA THR A 389 16.23 10.17 -2.55
C THR A 389 15.27 10.96 -1.65
N GLY A 390 14.19 10.31 -1.21
CA GLY A 390 13.20 10.95 -0.37
C GLY A 390 11.79 10.64 -0.82
N ALA A 391 11.65 10.23 -2.07
CA ALA A 391 10.35 9.89 -2.63
C ALA A 391 9.80 8.63 -1.99
N PRO A 392 8.59 8.72 -1.41
CA PRO A 392 7.93 7.54 -0.87
C PRO A 392 7.56 6.59 -2.00
N MSE A 393 7.39 5.31 -1.70
CA MSE A 393 6.88 4.34 -2.68
C MSE A 393 5.73 3.53 -2.13
O MSE A 393 5.08 2.79 -2.90
CB MSE A 393 7.99 3.42 -3.18
CG MSE A 393 9.07 3.20 -2.13
SE MSE A 393 10.41 1.96 -2.88
CE MSE A 393 11.94 3.21 -2.93
N PHE A 394 5.48 3.65 -0.83
CA PHE A 394 4.46 2.85 -0.15
C PHE A 394 4.07 3.46 1.18
N TYR A 395 2.84 3.20 1.60
CA TYR A 395 2.36 3.58 2.92
C TYR A 395 1.11 2.79 3.26
N GLU A 396 1.02 2.38 4.52
CA GLU A 396 -0.06 1.52 4.95
C GLU A 396 -0.38 1.75 6.42
N GLU A 397 -1.65 2.00 6.71
CA GLU A 397 -2.08 2.31 8.06
C GLU A 397 -2.47 1.05 8.81
N PHE A 398 -2.04 0.94 10.06
CA PHE A 398 -2.42 -0.19 10.90
C PHE A 398 -3.06 0.30 12.20
N ASN A 399 -3.83 -0.57 12.85
CA ASN A 399 -4.33 -0.29 14.18
C ASN A 399 -3.28 -0.67 15.22
N GLU A 400 -2.90 -1.94 15.21
CA GLU A 400 -1.85 -2.42 16.10
C GLU A 400 -0.83 -3.27 15.34
N LEU A 401 0.16 -2.60 14.77
CA LEU A 401 1.25 -3.28 14.07
C LEU A 401 2.36 -3.64 15.04
N TYR A 402 2.93 -4.83 14.87
CA TYR A 402 3.92 -5.33 15.81
C TYR A 402 5.34 -5.27 15.26
N GLN A 403 5.56 -5.81 14.06
CA GLN A 403 6.86 -5.73 13.41
C GLN A 403 6.74 -5.71 11.89
N ALA A 404 7.79 -5.19 11.26
CA ALA A 404 7.86 -5.09 9.80
C ALA A 404 9.33 -4.95 9.41
N PHE A 405 9.83 -5.88 8.60
CA PHE A 405 11.25 -5.92 8.30
C PHE A 405 11.55 -6.51 6.93
N TRP A 406 12.63 -6.03 6.32
CA TRP A 406 13.09 -6.53 5.03
C TRP A 406 13.51 -7.99 5.08
N ARG A 407 13.36 -8.68 3.96
CA ARG A 407 13.95 -10.01 3.80
C ARG A 407 15.40 -9.84 3.37
N PRO A 408 16.34 -10.16 4.26
CA PRO A 408 17.77 -9.91 4.04
C PRO A 408 18.35 -10.76 2.91
N ARG A 409 19.11 -10.13 2.02
CA ARG A 409 19.80 -10.84 0.95
C ARG A 409 21.29 -10.55 1.02
N PRO A 410 22.13 -11.55 0.70
CA PRO A 410 23.58 -11.41 0.77
C PRO A 410 24.25 -11.10 -0.57
N LEU A 411 25.05 -10.04 -0.57
CA LEU A 411 25.87 -9.66 -1.73
C LEU A 411 25.05 -9.54 -3.02
N ASN A 412 23.98 -8.75 -2.96
CA ASN A 412 23.14 -8.56 -4.13
C ASN A 412 23.86 -7.69 -5.17
N SER B 1 -22.54 -9.73 5.14
CA SER B 1 -21.15 -10.06 5.40
C SER B 1 -20.43 -8.89 6.06
N SER B 2 -19.17 -9.09 6.41
CA SER B 2 -18.35 -8.03 7.00
C SER B 2 -18.21 -6.87 6.03
N GLN B 3 -18.14 -5.65 6.57
CA GLN B 3 -18.01 -4.46 5.74
C GLN B 3 -16.57 -4.26 5.31
N LYS B 4 -16.35 -4.27 3.99
CA LYS B 4 -15.03 -4.05 3.43
C LYS B 4 -15.03 -2.78 2.60
N SER B 5 -13.84 -2.30 2.23
CA SER B 5 -13.74 -1.12 1.38
C SER B 5 -12.91 -1.46 0.15
N GLN B 6 -13.46 -2.32 -0.71
CA GLN B 6 -12.74 -2.85 -1.85
C GLN B 6 -12.59 -1.82 -2.96
N PHE B 7 -11.38 -1.72 -3.51
CA PHE B 7 -11.16 -0.98 -4.74
C PHE B 7 -10.44 -1.87 -5.74
N ALA B 8 -10.44 -1.44 -7.01
CA ALA B 8 -9.74 -2.19 -8.05
C ALA B 8 -8.66 -1.33 -8.70
N TYR B 9 -7.75 -1.97 -9.42
CA TYR B 9 -6.69 -1.27 -10.13
C TYR B 9 -6.22 -2.10 -11.32
N ARG B 10 -5.67 -1.45 -12.34
CA ARG B 10 -4.95 -2.16 -13.39
C ARG B 10 -3.62 -1.48 -13.68
N SER B 11 -2.55 -2.24 -13.52
CA SER B 11 -1.22 -1.72 -13.79
C SER B 11 -0.56 -2.52 -14.90
N SER B 12 0.59 -2.02 -15.38
CA SER B 12 1.33 -2.69 -16.44
C SER B 12 1.80 -4.07 -16.04
N LYS B 13 1.85 -4.31 -14.73
CA LYS B 13 2.37 -5.58 -14.22
C LYS B 13 1.27 -6.47 -13.62
N SER B 14 0.12 -5.89 -13.31
CA SER B 14 -0.95 -6.67 -12.70
C SER B 14 -2.33 -6.03 -12.76
N ILE B 15 -3.29 -6.75 -12.19
CA ILE B 15 -4.65 -6.29 -11.99
C ILE B 15 -5.23 -7.07 -10.82
N GLY B 16 -5.92 -6.39 -9.91
CA GLY B 16 -6.46 -7.06 -8.75
C GLY B 16 -7.50 -6.29 -7.98
N LEU B 17 -8.13 -6.98 -7.02
CA LEU B 17 -9.07 -6.36 -6.11
C LEU B 17 -8.40 -6.25 -4.74
N VAL B 18 -8.70 -5.15 -4.04
CA VAL B 18 -8.00 -4.83 -2.81
C VAL B 18 -8.97 -4.30 -1.74
N ASN B 19 -9.24 -5.10 -0.72
CA ASN B 19 -10.15 -4.71 0.36
C ASN B 19 -9.45 -3.84 1.40
N ALA B 20 -9.76 -2.53 1.40
CA ALA B 20 -9.10 -1.60 2.31
C ALA B 20 -9.40 -1.87 3.78
N SER B 21 -10.63 -2.30 4.08
CA SER B 21 -11.04 -2.55 5.46
C SER B 21 -10.42 -3.80 6.05
N GLU B 22 -9.92 -4.66 5.17
CA GLU B 22 -9.24 -5.89 5.52
C GLU B 22 -7.73 -5.68 5.38
N ASN B 23 -7.32 -4.42 5.41
CA ASN B 23 -5.93 -4.04 5.19
C ASN B 23 -5.35 -4.43 3.83
N TYR B 24 -6.14 -4.22 2.78
CA TYR B 24 -5.67 -4.32 1.41
C TYR B 24 -5.17 -5.71 1.02
N ALA B 25 -5.84 -6.72 1.57
CA ALA B 25 -5.65 -8.10 1.16
C ALA B 25 -6.58 -8.44 0.00
N SER B 26 -6.05 -9.17 -0.98
CA SER B 26 -6.84 -9.59 -2.13
C SER B 26 -7.96 -10.54 -1.71
N PRO B 27 -9.08 -10.53 -2.45
CA PRO B 27 -10.16 -11.49 -2.22
C PRO B 27 -9.64 -12.92 -2.37
N PRO B 28 -10.19 -13.86 -1.62
CA PRO B 28 -9.53 -15.16 -1.40
C PRO B 28 -9.29 -16.01 -2.65
N LYS B 29 -10.26 -16.10 -3.55
CA LYS B 29 -10.15 -16.98 -4.70
C LYS B 29 -9.75 -16.23 -5.98
N PHE B 30 -9.40 -14.95 -5.84
CA PHE B 30 -9.23 -14.08 -6.99
C PHE B 30 -7.90 -14.35 -7.67
N GLU B 31 -7.97 -14.89 -8.88
CA GLU B 31 -6.78 -15.19 -9.67
C GLU B 31 -7.00 -14.84 -11.13
N ALA B 32 -6.47 -13.71 -11.56
CA ALA B 32 -6.60 -13.28 -12.95
C ALA B 32 -5.81 -14.20 -13.87
N ILE B 33 -6.34 -14.43 -15.07
CA ILE B 33 -5.71 -15.35 -16.02
C ILE B 33 -4.34 -14.85 -16.47
N SER B 34 -3.60 -15.72 -17.15
CA SER B 34 -2.23 -15.42 -17.57
C SER B 34 -2.17 -14.21 -18.48
N GLU B 35 -3.17 -14.07 -19.35
CA GLU B 35 -3.23 -12.93 -20.27
C GLU B 35 -3.32 -11.61 -19.51
N PRO B 36 -2.46 -10.65 -19.87
CA PRO B 36 -2.50 -9.30 -19.30
C PRO B 36 -3.86 -8.64 -19.53
N ALA B 37 -4.35 -7.91 -18.53
CA ALA B 37 -5.63 -7.23 -18.66
C ALA B 37 -5.51 -6.03 -19.58
N ARG B 38 -6.63 -5.60 -20.15
CA ARG B 38 -6.63 -4.56 -21.17
C ARG B 38 -7.56 -3.41 -20.78
N ASN B 39 -8.55 -3.74 -19.96
CA ASN B 39 -9.53 -2.78 -19.45
C ASN B 39 -10.33 -3.42 -18.33
N ALA B 40 -10.93 -2.61 -17.47
CA ALA B 40 -11.66 -3.14 -16.32
C ALA B 40 -12.75 -2.20 -15.79
N CYS B 41 -13.77 -2.78 -15.17
CA CYS B 41 -14.84 -2.01 -14.55
C CYS B 41 -15.68 -2.88 -13.60
N TYR B 42 -16.38 -2.21 -12.69
CA TYR B 42 -17.33 -2.89 -11.79
C TYR B 42 -18.74 -2.86 -12.35
N SER B 43 -19.55 -3.84 -11.93
CA SER B 43 -20.99 -3.76 -12.12
C SER B 43 -21.51 -2.64 -11.23
N PRO B 44 -22.62 -2.01 -11.62
CA PRO B 44 -23.21 -0.93 -10.81
C PRO B 44 -23.45 -1.30 -9.35
N ASN B 45 -23.79 -2.56 -9.08
CA ASN B 45 -24.04 -3.01 -7.71
C ASN B 45 -22.76 -3.48 -7.01
N GLY B 46 -21.69 -3.60 -7.78
CA GLY B 46 -20.40 -3.98 -7.22
C GLY B 46 -20.21 -5.47 -7.03
N LYS B 47 -21.30 -6.23 -7.17
CA LYS B 47 -21.26 -7.68 -7.03
C LYS B 47 -20.28 -8.32 -8.02
N LEU B 48 -20.13 -7.72 -9.19
CA LEU B 48 -19.30 -8.29 -10.25
C LEU B 48 -18.14 -7.38 -10.65
N PHE B 49 -17.04 -8.00 -11.08
CA PHE B 49 -15.90 -7.27 -11.61
C PHE B 49 -15.44 -7.93 -12.91
N ALA B 50 -15.36 -7.14 -13.97
CA ALA B 50 -15.00 -7.67 -15.28
C ALA B 50 -13.72 -7.06 -15.82
N TYR B 51 -12.86 -7.90 -16.38
CA TYR B 51 -11.69 -7.39 -17.10
C TYR B 51 -11.59 -8.06 -18.46
N ALA B 52 -11.03 -7.34 -19.41
CA ALA B 52 -10.91 -7.83 -20.78
C ALA B 52 -9.45 -8.01 -21.16
N THR B 53 -9.18 -9.09 -21.88
CA THR B 53 -7.86 -9.29 -22.48
C THR B 53 -7.96 -8.98 -23.95
N ALA B 54 -6.92 -9.30 -24.71
CA ALA B 54 -6.93 -9.10 -26.16
C ALA B 54 -7.88 -10.09 -26.83
N THR B 55 -8.14 -11.20 -26.15
CA THR B 55 -8.88 -12.31 -26.73
C THR B 55 -10.25 -12.52 -26.08
N GLN B 56 -10.33 -12.26 -24.78
CA GLN B 56 -11.55 -12.56 -24.05
C GLN B 56 -12.00 -11.42 -23.14
N VAL B 57 -13.16 -11.61 -22.52
CA VAL B 57 -13.59 -10.74 -21.43
C VAL B 57 -13.94 -11.62 -20.25
N VAL B 58 -13.30 -11.38 -19.12
CA VAL B 58 -13.46 -12.24 -17.96
C VAL B 58 -14.28 -11.55 -16.87
N ILE B 59 -15.25 -12.27 -16.32
CA ILE B 59 -16.13 -11.72 -15.30
C ILE B 59 -15.93 -12.43 -13.96
N ASN B 60 -15.78 -11.66 -12.90
CA ASN B 60 -15.49 -12.22 -11.58
C ASN B 60 -16.45 -11.75 -10.49
N ASP B 61 -16.69 -12.62 -9.51
CA ASP B 61 -17.37 -12.22 -8.29
C ASP B 61 -16.42 -11.32 -7.51
N THR B 62 -16.95 -10.35 -6.77
CA THR B 62 -16.09 -9.42 -6.03
C THR B 62 -16.00 -9.80 -4.56
N GLU B 63 -17.10 -10.27 -4.00
CA GLU B 63 -17.14 -10.67 -2.60
C GLU B 63 -16.19 -11.81 -2.31
N SER B 64 -16.03 -12.71 -3.28
CA SER B 64 -15.17 -13.88 -3.11
C SER B 64 -13.98 -13.87 -4.07
N GLY B 65 -14.13 -13.24 -5.22
CA GLY B 65 -13.07 -13.18 -6.20
C GLY B 65 -13.14 -14.30 -7.22
N ALA B 66 -14.13 -15.17 -7.06
CA ALA B 66 -14.29 -16.33 -7.93
C ALA B 66 -14.62 -15.93 -9.37
N LYS B 67 -13.88 -16.51 -10.31
CA LYS B 67 -14.14 -16.30 -11.73
C LYS B 67 -15.43 -16.98 -12.14
N LEU B 68 -16.31 -16.23 -12.80
CA LEU B 68 -17.64 -16.73 -13.14
C LEU B 68 -17.78 -17.06 -14.61
N THR B 69 -17.30 -16.17 -15.47
CA THR B 69 -17.53 -16.28 -16.91
C THR B 69 -16.31 -15.85 -17.71
N GLN B 70 -16.12 -16.45 -18.88
CA GLN B 70 -15.13 -15.97 -19.82
C GLN B 70 -15.77 -15.79 -21.20
N LEU B 71 -16.04 -14.53 -21.54
CA LEU B 71 -16.66 -14.20 -22.81
C LEU B 71 -15.63 -14.20 -23.94
N PRO B 72 -15.96 -14.91 -25.03
CA PRO B 72 -15.10 -14.93 -26.22
C PRO B 72 -15.18 -13.62 -27.00
N ALA B 73 -15.03 -12.50 -26.31
CA ALA B 73 -14.99 -11.19 -26.95
C ALA B 73 -13.54 -10.72 -27.06
N ALA B 74 -13.01 -10.71 -28.28
CA ALA B 74 -11.61 -10.39 -28.51
C ALA B 74 -11.39 -8.93 -28.90
N ASN B 75 -10.23 -8.40 -28.50
CA ASN B 75 -9.80 -7.07 -28.90
C ASN B 75 -10.83 -5.97 -28.56
N THR B 76 -11.45 -6.10 -27.40
CA THR B 76 -12.40 -5.09 -26.94
C THR B 76 -11.68 -3.79 -26.60
N TYR B 77 -12.38 -2.67 -26.67
CA TYR B 77 -11.78 -1.39 -26.33
C TYR B 77 -12.68 -0.61 -25.37
N GLU B 78 -13.89 -1.12 -25.18
CA GLU B 78 -14.83 -0.54 -24.22
C GLU B 78 -15.61 -1.64 -23.51
N LEU B 79 -15.97 -1.40 -22.26
CA LEU B 79 -16.74 -2.37 -21.48
C LEU B 79 -18.02 -1.77 -20.91
N GLY B 80 -19.14 -2.45 -21.10
CA GLY B 80 -20.42 -1.98 -20.59
C GLY B 80 -21.15 -2.97 -19.72
N PHE B 81 -21.65 -2.51 -18.58
CA PHE B 81 -22.42 -3.34 -17.66
C PHE B 81 -23.82 -2.79 -17.46
N SER B 82 -24.82 -3.66 -17.57
CA SER B 82 -26.22 -3.27 -17.37
C SER B 82 -26.49 -2.93 -15.90
N PRO B 83 -27.43 -2.01 -15.67
CA PRO B 83 -27.73 -1.55 -14.31
C PRO B 83 -27.71 -2.64 -13.23
N LEU B 84 -28.41 -3.74 -13.48
CA LEU B 84 -28.47 -4.82 -12.50
C LEU B 84 -27.27 -5.75 -12.64
N GLY B 85 -26.49 -5.55 -13.70
CA GLY B 85 -25.29 -6.35 -13.92
C GLY B 85 -25.55 -7.57 -14.76
N LYS B 86 -26.83 -7.84 -15.03
CA LYS B 86 -27.24 -9.02 -15.78
C LYS B 86 -26.66 -9.06 -17.20
N TYR B 87 -26.28 -7.90 -17.71
CA TYR B 87 -25.72 -7.83 -19.06
C TYR B 87 -24.43 -7.03 -19.11
N LEU B 88 -23.45 -7.56 -19.82
CA LEU B 88 -22.22 -6.84 -20.10
C LEU B 88 -22.07 -6.55 -21.59
N SER B 89 -21.91 -5.27 -21.92
CA SER B 89 -21.70 -4.87 -23.30
C SER B 89 -20.21 -4.72 -23.57
N THR B 90 -19.78 -5.15 -24.75
CA THR B 90 -18.41 -4.99 -25.17
C THR B 90 -18.38 -4.14 -26.43
N TRP B 91 -17.23 -3.54 -26.74
CA TRP B 91 -17.10 -2.74 -27.96
C TRP B 91 -15.75 -3.01 -28.60
N GLU B 92 -15.78 -3.55 -29.81
CA GLU B 92 -14.55 -3.74 -30.57
C GLU B 92 -14.42 -2.58 -31.55
N ARG B 93 -13.27 -2.49 -32.22
CA ARG B 93 -13.06 -1.44 -33.21
C ARG B 93 -13.80 -1.79 -34.49
N PRO B 94 -14.34 -0.77 -35.18
CA PRO B 94 -15.15 -0.96 -36.39
C PRO B 94 -14.35 -1.50 -37.57
N GLY B 95 -15.07 -1.86 -38.63
CA GLY B 95 -14.47 -2.47 -39.81
C GLY B 95 -15.43 -3.45 -40.45
N LYS B 96 -15.12 -3.86 -41.68
CA LYS B 96 -15.95 -4.80 -42.42
C LYS B 96 -15.13 -5.95 -42.99
N GLU B 97 -15.76 -7.12 -43.10
CA GLU B 97 -15.08 -8.32 -43.60
C GLU B 97 -14.88 -8.25 -45.12
N ALA B 98 -14.38 -9.34 -45.69
CA ALA B 98 -14.08 -9.41 -47.13
C ALA B 98 -15.32 -9.21 -47.99
N ASP B 99 -16.48 -9.57 -47.46
CA ASP B 99 -17.73 -9.44 -48.18
C ASP B 99 -18.19 -7.99 -48.25
N GLY B 100 -17.72 -7.18 -47.31
CA GLY B 100 -18.05 -5.77 -47.27
C GLY B 100 -19.05 -5.43 -46.18
N THR B 101 -19.74 -6.46 -45.67
CA THR B 101 -20.70 -6.28 -44.58
C THR B 101 -20.07 -5.65 -43.35
N PRO B 102 -20.63 -4.53 -42.87
CA PRO B 102 -20.15 -3.92 -41.63
C PRO B 102 -20.34 -4.85 -40.44
N LYS B 103 -19.24 -5.33 -39.88
CA LYS B 103 -19.28 -6.28 -38.77
C LYS B 103 -19.83 -5.62 -37.50
N GLN B 104 -20.64 -6.36 -36.77
CA GLN B 104 -21.30 -5.86 -35.57
C GLN B 104 -20.31 -5.61 -34.44
N ASN B 105 -20.04 -4.33 -34.19
CA ASN B 105 -19.03 -3.92 -33.22
C ASN B 105 -19.32 -4.32 -31.78
N MSE B 106 -20.43 -3.84 -31.23
CA MSE B 106 -20.83 -4.16 -29.87
C MSE B 106 -21.38 -5.56 -29.73
O MSE B 106 -21.97 -6.08 -30.69
CB MSE B 106 -21.91 -3.16 -29.47
CG MSE B 106 -21.94 -2.95 -27.98
SE MSE B 106 -23.82 -2.69 -27.47
CE MSE B 106 -24.35 -1.60 -29.01
N LYS B 107 -21.21 -6.18 -28.56
CA LYS B 107 -21.82 -7.45 -28.28
C LYS B 107 -22.36 -7.41 -26.86
N VAL B 108 -23.67 -7.64 -26.73
CA VAL B 108 -24.29 -7.66 -25.43
C VAL B 108 -24.32 -9.10 -24.91
N TRP B 109 -23.80 -9.32 -23.70
CA TRP B 109 -23.64 -10.67 -23.17
C TRP B 109 -24.44 -10.89 -21.89
N ASN B 110 -24.98 -12.09 -21.74
CA ASN B 110 -25.53 -12.52 -20.47
C ASN B 110 -24.38 -12.92 -19.55
N THR B 111 -24.29 -12.25 -18.40
CA THR B 111 -23.19 -12.50 -17.48
C THR B 111 -23.42 -13.76 -16.64
N GLU B 112 -24.66 -14.23 -16.60
CA GLU B 112 -24.98 -15.45 -15.86
C GLU B 112 -24.94 -16.68 -16.78
N THR B 113 -24.62 -16.49 -18.05
CA THR B 113 -24.52 -17.64 -18.96
C THR B 113 -23.34 -17.55 -19.91
N GLY B 114 -22.86 -16.34 -20.17
CA GLY B 114 -21.81 -16.14 -21.15
C GLY B 114 -22.36 -16.12 -22.56
N GLN B 115 -23.68 -16.21 -22.68
CA GLN B 115 -24.34 -16.21 -23.98
C GLN B 115 -24.38 -14.82 -24.58
N LEU B 116 -24.13 -14.75 -25.88
CA LEU B 116 -24.33 -13.53 -26.65
C LEU B 116 -25.82 -13.39 -26.97
N VAL B 117 -26.46 -12.38 -26.39
CA VAL B 117 -27.91 -12.23 -26.57
C VAL B 117 -28.23 -11.48 -27.86
N PHE B 118 -27.42 -10.47 -28.18
CA PHE B 118 -27.58 -9.72 -29.41
C PHE B 118 -26.38 -8.81 -29.63
N SER B 119 -26.19 -8.40 -30.89
CA SER B 119 -25.09 -7.52 -31.22
C SER B 119 -25.56 -6.41 -32.15
N PHE B 120 -24.81 -5.31 -32.17
CA PHE B 120 -25.14 -4.17 -33.01
C PHE B 120 -23.88 -3.63 -33.69
N VAL B 121 -24.06 -2.66 -34.57
CA VAL B 121 -22.95 -2.00 -35.24
C VAL B 121 -22.82 -0.56 -34.75
N GLN B 122 -21.62 -0.16 -34.34
CA GLN B 122 -21.35 1.25 -34.06
C GLN B 122 -19.91 1.63 -34.33
N ARG B 123 -19.73 2.62 -35.21
CA ARG B 123 -18.41 3.12 -35.56
C ARG B 123 -17.86 4.04 -34.47
N ASN B 124 -18.74 4.82 -33.85
CA ASN B 124 -18.33 5.80 -32.86
C ASN B 124 -18.17 5.20 -31.46
N GLN B 125 -16.98 5.38 -30.89
CA GLN B 125 -16.67 4.86 -29.57
C GLN B 125 -17.33 5.69 -28.47
N THR B 126 -17.57 6.97 -28.77
CA THR B 126 -18.22 7.87 -27.83
C THR B 126 -19.73 7.61 -27.79
N GLY B 127 -20.23 7.18 -26.64
CA GLY B 127 -21.63 6.83 -26.51
C GLY B 127 -21.91 5.51 -27.20
N TRP B 128 -20.94 4.59 -27.09
CA TRP B 128 -21.00 3.31 -27.76
C TRP B 128 -22.04 2.37 -27.15
N ASN B 129 -22.36 2.56 -25.87
CA ASN B 129 -23.21 1.60 -25.19
C ASN B 129 -24.68 1.98 -25.24
N LEU B 130 -25.54 0.97 -25.17
CA LEU B 130 -26.97 1.18 -25.08
C LEU B 130 -27.30 1.89 -23.78
N GLN B 131 -28.44 2.56 -23.73
CA GLN B 131 -28.93 3.10 -22.47
C GLN B 131 -30.00 2.17 -21.91
N TYR B 132 -29.89 1.87 -20.62
CA TYR B 132 -30.87 1.03 -19.95
C TYR B 132 -31.68 1.84 -18.95
N THR B 133 -32.94 1.47 -18.78
CA THR B 133 -33.72 1.95 -17.65
C THR B 133 -33.13 1.31 -16.40
N CYS B 134 -33.36 1.91 -15.23
CA CYS B 134 -32.71 1.41 -14.02
C CYS B 134 -33.42 0.20 -13.41
N ASP B 135 -34.51 -0.23 -14.03
CA ASP B 135 -35.14 -1.50 -13.67
C ASP B 135 -34.72 -2.57 -14.67
N GLU B 136 -33.93 -2.14 -15.65
CA GLU B 136 -33.33 -3.01 -16.67
C GLU B 136 -34.36 -3.69 -17.56
N SER B 137 -35.60 -3.20 -17.54
CA SER B 137 -36.64 -3.77 -18.37
C SER B 137 -36.45 -3.39 -19.84
N LEU B 138 -35.90 -2.20 -20.06
CA LEU B 138 -35.73 -1.69 -21.42
C LEU B 138 -34.30 -1.25 -21.72
N ALA B 139 -33.95 -1.33 -23.00
CA ALA B 139 -32.65 -0.85 -23.46
C ALA B 139 -32.83 0.01 -24.71
N ALA B 140 -32.31 1.23 -24.67
CA ALA B 140 -32.48 2.18 -25.77
C ALA B 140 -31.21 2.33 -26.58
N ARG B 141 -31.38 2.70 -27.85
CA ARG B 141 -30.26 2.83 -28.78
C ARG B 141 -30.52 3.95 -29.79
N LEU B 142 -29.45 4.66 -30.15
CA LEU B 142 -29.55 5.68 -31.19
C LEU B 142 -29.13 5.12 -32.54
N VAL B 143 -30.05 5.22 -33.49
CA VAL B 143 -29.76 4.92 -34.88
C VAL B 143 -29.99 6.20 -35.65
N THR B 144 -29.41 6.29 -36.84
CA THR B 144 -29.62 7.46 -37.67
C THR B 144 -31.10 7.73 -37.77
N ASN B 145 -31.54 8.84 -37.22
CA ASN B 145 -32.81 9.40 -37.61
C ASN B 145 -33.99 8.65 -37.01
N GLU B 146 -33.66 7.89 -35.96
CA GLU B 146 -34.61 7.12 -35.14
C GLU B 146 -33.97 6.70 -33.81
N VAL B 147 -34.79 6.27 -32.84
CA VAL B 147 -34.28 5.71 -31.58
C VAL B 147 -35.01 4.42 -31.23
N HIS B 148 -34.28 3.32 -31.20
CA HIS B 148 -34.88 2.01 -30.96
C HIS B 148 -35.01 1.69 -29.47
N PHE B 149 -36.08 0.98 -29.12
CA PHE B 149 -36.32 0.52 -27.76
C PHE B 149 -36.57 -0.98 -27.75
N TYR B 150 -35.75 -1.73 -27.00
CA TYR B 150 -35.84 -3.18 -26.99
C TYR B 150 -36.30 -3.72 -25.64
N GLU B 151 -36.89 -4.91 -25.66
CA GLU B 151 -37.09 -5.69 -24.44
C GLU B 151 -35.83 -6.50 -24.20
N THR B 152 -35.13 -6.23 -23.11
CA THR B 152 -33.83 -6.84 -22.84
C THR B 152 -33.89 -8.37 -22.82
N GLY B 153 -35.01 -8.92 -22.34
CA GLY B 153 -35.23 -10.35 -22.31
C GLY B 153 -35.18 -11.00 -23.67
N ASN B 154 -36.02 -10.53 -24.58
CA ASN B 154 -35.84 -10.90 -25.99
C ASN B 154 -35.49 -9.67 -26.86
N MSE B 155 -34.26 -9.44 -27.24
CA MSE B 155 -34.08 -8.32 -28.17
C MSE B 155 -33.77 -8.80 -29.59
O MSE B 155 -33.51 -7.97 -30.47
CB MSE B 155 -33.02 -7.35 -27.67
CG MSE B 155 -31.62 -7.86 -27.70
SE MSE B 155 -30.44 -6.70 -26.69
CE MSE B 155 -30.76 -7.48 -24.93
N SER B 156 -33.83 -10.11 -29.81
CA SER B 156 -33.55 -10.68 -31.13
C SER B 156 -34.76 -10.66 -32.06
N LYS B 157 -35.90 -10.25 -31.51
CA LYS B 157 -37.11 -10.11 -32.29
C LYS B 157 -37.24 -8.66 -32.78
N GLY B 158 -36.15 -7.92 -32.69
CA GLY B 158 -36.14 -6.52 -33.08
C GLY B 158 -36.78 -5.65 -32.01
N PRO B 159 -36.68 -4.33 -32.17
CA PRO B 159 -37.21 -3.37 -31.19
C PRO B 159 -38.73 -3.42 -31.08
N ILE B 160 -39.26 -2.91 -29.97
CA ILE B 160 -40.71 -2.89 -29.75
C ILE B 160 -41.24 -1.47 -29.79
N ALA B 161 -40.32 -0.52 -29.98
CA ALA B 161 -40.67 0.89 -30.10
C ALA B 161 -39.60 1.62 -30.90
N LYS B 162 -40.01 2.66 -31.62
CA LYS B 162 -39.10 3.50 -32.39
C LYS B 162 -39.50 4.96 -32.29
N LEU B 163 -38.52 5.86 -32.19
CA LEU B 163 -38.81 7.27 -32.21
C LEU B 163 -38.23 7.92 -33.45
N ARG B 164 -39.09 8.13 -34.45
CA ARG B 164 -38.66 8.62 -35.76
C ARG B 164 -38.63 10.14 -35.83
N VAL B 165 -37.48 10.74 -35.55
CA VAL B 165 -37.30 12.18 -35.73
C VAL B 165 -36.03 12.47 -36.54
N GLU B 166 -36.12 13.43 -37.44
CA GLU B 166 -35.01 13.75 -38.33
C GLU B 166 -33.89 14.52 -37.63
N GLY B 167 -32.66 14.12 -37.93
CA GLY B 167 -31.48 14.83 -37.46
C GLY B 167 -31.23 14.85 -35.97
N ILE B 168 -31.69 13.81 -35.26
CA ILE B 168 -31.46 13.71 -33.83
C ILE B 168 -29.98 13.43 -33.53
N SER B 169 -29.42 14.13 -32.56
CA SER B 169 -28.00 13.98 -32.22
C SER B 169 -27.73 12.99 -31.09
N ASP B 170 -28.50 13.09 -30.01
CA ASP B 170 -28.37 12.14 -28.90
C ASP B 170 -29.56 12.19 -27.95
N PHE B 171 -29.65 11.18 -27.09
CA PHE B 171 -30.76 11.05 -26.15
C PHE B 171 -30.26 10.69 -24.76
N ALA B 172 -31.16 10.73 -23.78
CA ALA B 172 -30.79 10.41 -22.40
C ALA B 172 -31.99 9.89 -21.60
N LEU B 173 -31.98 8.59 -21.33
CA LEU B 173 -33.07 7.95 -20.58
C LEU B 173 -33.17 8.48 -19.14
N SER B 174 -34.36 8.36 -18.57
CA SER B 174 -34.57 8.76 -17.18
C SER B 174 -33.97 7.74 -16.22
N PRO B 175 -33.15 8.21 -15.28
CA PRO B 175 -32.50 7.34 -14.29
C PRO B 175 -33.50 6.80 -13.28
N GLY B 176 -34.65 7.43 -13.17
CA GLY B 176 -35.64 7.04 -12.19
C GLY B 176 -36.31 5.72 -12.51
N GLN B 177 -37.33 5.37 -11.72
CA GLN B 177 -38.11 4.19 -12.00
C GLN B 177 -39.02 4.48 -13.19
N ASN B 178 -39.24 5.77 -13.44
CA ASN B 178 -40.07 6.23 -14.55
C ASN B 178 -39.38 6.05 -15.89
N HIS B 179 -40.17 5.85 -16.93
CA HIS B 179 -39.64 5.58 -18.26
C HIS B 179 -39.79 6.80 -19.18
N ALA B 180 -38.73 7.61 -19.25
CA ALA B 180 -38.72 8.78 -20.11
C ALA B 180 -37.39 8.94 -20.82
N VAL B 181 -37.29 9.95 -21.68
CA VAL B 181 -36.09 10.20 -22.48
C VAL B 181 -36.07 11.62 -23.02
N ALA B 182 -34.88 12.24 -23.02
CA ALA B 182 -34.68 13.53 -23.64
C ALA B 182 -34.00 13.34 -25.00
N VAL B 183 -34.20 14.28 -25.92
CA VAL B 183 -33.71 14.16 -27.28
C VAL B 183 -33.17 15.49 -27.80
N PHE B 184 -32.05 15.48 -28.51
CA PHE B 184 -31.49 16.73 -29.06
C PHE B 184 -31.40 16.73 -30.58
N ILE B 185 -31.73 17.87 -31.16
CA ILE B 185 -31.56 18.10 -32.60
C ILE B 185 -31.04 19.51 -32.83
N PRO B 186 -29.89 19.64 -33.51
CA PRO B 186 -29.37 20.96 -33.86
C PRO B 186 -30.17 21.59 -34.99
N GLU B 187 -29.91 22.85 -35.32
CA GLU B 187 -30.74 23.55 -36.29
C GLU B 187 -30.22 23.36 -37.72
N LYS B 188 -31.17 23.16 -38.65
CA LYS B 188 -30.85 22.84 -40.03
C LYS B 188 -32.07 23.11 -40.89
N LYS B 189 -31.88 23.15 -42.22
CA LYS B 189 -32.99 23.17 -43.17
C LYS B 189 -33.99 24.30 -42.93
N GLY B 190 -33.51 25.45 -42.46
CA GLY B 190 -34.38 26.55 -42.13
C GLY B 190 -35.26 26.24 -40.93
N ALA B 191 -34.79 25.36 -40.07
CA ALA B 191 -35.51 25.00 -38.86
C ALA B 191 -34.62 25.17 -37.63
N PRO B 192 -35.22 25.53 -36.48
CA PRO B 192 -34.49 25.72 -35.24
C PRO B 192 -33.98 24.42 -34.64
N ALA B 193 -33.29 24.50 -33.51
CA ALA B 193 -32.81 23.31 -32.84
C ALA B 193 -33.85 22.79 -31.85
N SER B 194 -33.83 21.50 -31.59
CA SER B 194 -34.92 20.88 -30.85
C SER B 194 -34.45 19.97 -29.70
N VAL B 195 -34.93 20.28 -28.50
CA VAL B 195 -34.79 19.37 -27.37
C VAL B 195 -36.17 18.95 -26.88
N ARG B 196 -36.61 17.76 -27.27
CA ARG B 196 -37.92 17.26 -26.87
C ARG B 196 -37.79 16.19 -25.80
N THR B 197 -38.89 15.92 -25.10
CA THR B 197 -38.94 14.83 -24.14
C THR B 197 -40.23 14.03 -24.33
N TYR B 198 -40.08 12.74 -24.58
CA TYR B 198 -41.22 11.85 -24.78
C TYR B 198 -41.29 10.82 -23.65
N SER B 199 -42.49 10.34 -23.35
CA SER B 199 -42.62 9.15 -22.52
C SER B 199 -42.37 7.94 -23.43
N ILE B 200 -41.64 6.96 -22.92
CA ILE B 200 -41.18 5.82 -23.73
C ILE B 200 -42.33 5.03 -24.39
N PRO B 201 -43.41 4.74 -23.65
CA PRO B 201 -44.49 4.07 -24.39
C PRO B 201 -45.17 4.96 -25.43
N ASN B 202 -45.24 6.26 -25.15
CA ASN B 202 -46.04 7.16 -25.97
C ASN B 202 -45.24 8.27 -26.66
N PHE B 203 -45.08 8.14 -27.97
CA PHE B 203 -44.29 9.08 -28.76
C PHE B 203 -45.16 10.03 -29.59
N ASN B 204 -46.47 9.96 -29.40
CA ASN B 204 -47.41 10.80 -30.14
C ASN B 204 -47.14 12.29 -29.97
N SER B 205 -46.78 12.67 -28.74
CA SER B 205 -46.51 14.06 -28.43
C SER B 205 -45.52 14.16 -27.27
N PRO B 206 -44.54 15.07 -27.39
CA PRO B 206 -43.53 15.27 -26.34
C PRO B 206 -44.12 15.78 -25.03
N LEU B 207 -43.38 15.67 -23.95
CA LEU B 207 -43.76 16.31 -22.70
C LEU B 207 -43.35 17.77 -22.74
N SER B 208 -42.41 18.08 -23.63
CA SER B 208 -41.96 19.46 -23.85
C SER B 208 -41.20 19.56 -25.18
N GLN B 209 -41.08 20.78 -25.71
CA GLN B 209 -40.46 20.99 -27.01
C GLN B 209 -39.84 22.37 -27.12
N LYS B 210 -38.55 22.48 -26.82
CA LYS B 210 -37.89 23.79 -26.68
C LYS B 210 -36.84 24.03 -27.77
N THR B 211 -36.50 25.29 -27.98
CA THR B 211 -35.52 25.68 -29.00
C THR B 211 -34.26 26.30 -28.40
N PHE B 212 -33.12 26.11 -29.07
CA PHE B 212 -31.81 26.58 -28.60
C PHE B 212 -30.83 26.87 -29.73
N PHE B 213 -30.25 28.08 -29.75
CA PHE B 213 -29.22 28.43 -30.74
C PHE B 213 -27.92 28.74 -30.01
N LYS B 214 -26.81 28.74 -30.74
CA LYS B 214 -25.47 28.51 -30.18
C LYS B 214 -25.50 27.10 -29.61
N ALA B 215 -26.16 26.21 -30.33
CA ALA B 215 -26.37 24.84 -29.90
C ALA B 215 -26.01 23.84 -31.00
N ASP B 216 -24.74 23.47 -31.08
CA ASP B 216 -24.30 22.46 -32.04
C ASP B 216 -24.03 21.14 -31.31
N LYS B 217 -23.25 21.20 -30.25
CA LYS B 217 -22.98 20.04 -29.40
C LYS B 217 -23.85 20.12 -28.15
N VAL B 218 -24.12 18.96 -27.54
CA VAL B 218 -25.01 18.91 -26.38
C VAL B 218 -24.56 17.85 -25.37
N GLN B 219 -24.85 18.07 -24.10
CA GLN B 219 -24.59 17.09 -23.06
C GLN B 219 -25.72 17.08 -22.03
N PHE B 220 -26.50 15.99 -22.04
CA PHE B 220 -27.62 15.84 -21.11
C PHE B 220 -27.17 15.30 -19.76
N LYS B 221 -27.74 15.82 -18.68
CA LYS B 221 -27.46 15.32 -17.34
C LYS B 221 -28.70 15.31 -16.45
N TRP B 222 -29.43 14.19 -16.47
CA TRP B 222 -30.59 13.99 -15.61
C TRP B 222 -30.19 14.01 -14.15
N ASN B 223 -31.14 14.35 -13.28
CA ASN B 223 -30.94 14.18 -11.84
C ASN B 223 -31.17 12.71 -11.46
N ALA B 224 -30.90 12.36 -10.21
CA ALA B 224 -31.02 10.99 -9.76
C ALA B 224 -32.43 10.44 -9.95
N LEU B 225 -33.42 11.23 -9.53
CA LEU B 225 -34.81 10.89 -9.79
C LEU B 225 -35.15 11.22 -11.24
N GLY B 226 -36.43 11.12 -11.60
CA GLY B 226 -36.85 11.51 -12.93
C GLY B 226 -37.54 12.85 -12.91
N THR B 227 -36.96 13.80 -12.17
CA THR B 227 -37.62 15.08 -11.90
C THR B 227 -36.99 16.27 -12.61
N SER B 228 -35.81 16.09 -13.19
CA SER B 228 -35.11 17.23 -13.80
C SER B 228 -34.13 16.84 -14.90
N LEU B 229 -33.48 17.85 -15.47
CA LEU B 229 -32.51 17.65 -16.54
C LEU B 229 -31.61 18.90 -16.69
N LEU B 230 -30.42 18.70 -17.24
CA LEU B 230 -29.48 19.79 -17.51
C LEU B 230 -29.00 19.71 -18.96
N VAL B 231 -28.89 20.85 -19.63
CA VAL B 231 -28.53 20.89 -21.06
C VAL B 231 -27.33 21.81 -21.35
N LEU B 232 -26.21 21.20 -21.76
CA LEU B 232 -24.96 21.89 -22.12
C LEU B 232 -24.85 22.05 -23.65
N THR B 233 -25.28 23.19 -24.19
CA THR B 233 -25.24 23.40 -25.64
C THR B 233 -24.04 24.22 -26.10
N GLN B 234 -23.19 23.60 -26.92
CA GLN B 234 -22.01 24.27 -27.46
C GLN B 234 -22.21 24.54 -28.95
N THR B 235 -21.43 25.45 -29.53
CA THR B 235 -21.56 25.75 -30.95
C THR B 235 -20.21 25.82 -31.66
N GLU B 236 -20.27 25.91 -33.00
CA GLU B 236 -19.09 26.03 -33.83
C GLU B 236 -18.10 24.88 -33.63
N LYS B 242 -23.16 27.53 -23.96
CA LYS B 242 -24.05 27.89 -22.86
C LYS B 242 -24.66 26.65 -22.23
N ASN B 243 -25.33 26.85 -21.11
CA ASN B 243 -25.99 25.76 -20.42
C ASN B 243 -27.03 26.28 -19.47
N TYR B 244 -28.13 25.53 -19.36
CA TYR B 244 -28.88 25.55 -18.11
C TYR B 244 -30.05 24.60 -17.95
N TYR B 245 -30.88 24.98 -16.99
CA TYR B 245 -31.80 24.08 -16.32
C TYR B 245 -33.25 23.87 -16.69
N GLY B 246 -33.46 22.83 -17.47
CA GLY B 246 -34.75 22.22 -17.69
C GLY B 246 -34.71 20.91 -18.39
N GLU B 247 -35.85 20.48 -18.92
CA GLU B 247 -37.03 21.34 -18.92
C GLU B 247 -38.28 20.64 -18.41
N THR B 248 -38.18 19.35 -18.16
CA THR B 248 -39.34 18.58 -17.69
C THR B 248 -38.98 17.64 -16.54
N ASN B 249 -40.01 17.16 -15.86
CA ASN B 249 -39.82 16.16 -14.81
C ASN B 249 -39.99 14.76 -15.39
N ILE B 255 -43.92 16.65 -17.36
CA ILE B 255 -44.53 17.68 -16.52
C ILE B 255 -43.91 19.03 -16.89
N THR B 256 -44.41 20.09 -16.28
CA THR B 256 -44.02 21.44 -16.66
C THR B 256 -42.53 21.69 -16.41
N GLY B 257 -42.04 21.22 -15.28
CA GLY B 257 -40.65 21.45 -14.92
C GLY B 257 -40.42 22.95 -14.95
N GLN B 258 -39.35 23.36 -15.62
CA GLN B 258 -39.12 24.78 -15.86
C GLN B 258 -38.21 24.96 -17.07
N PHE B 259 -38.26 26.15 -17.67
CA PHE B 259 -37.31 26.51 -18.71
C PHE B 259 -36.48 27.65 -18.15
N ASP B 260 -35.16 27.46 -18.10
CA ASP B 260 -34.28 28.47 -17.52
C ASP B 260 -32.81 28.17 -17.79
N CYS B 261 -31.98 29.20 -17.83
CA CYS B 261 -30.53 29.01 -18.02
C CYS B 261 -29.62 30.03 -17.31
N ARG B 262 -28.44 29.57 -16.91
CA ARG B 262 -27.32 30.45 -16.52
C ARG B 262 -27.60 31.48 -15.43
N VAL B 263 -28.27 31.08 -14.36
CA VAL B 263 -28.70 32.05 -13.34
C VAL B 263 -27.58 32.79 -12.60
N ASP B 264 -26.52 32.10 -12.20
CA ASP B 264 -25.47 32.75 -11.40
C ASP B 264 -24.09 32.93 -12.03
N LEU B 265 -23.95 32.61 -13.31
CA LEU B 265 -22.64 32.60 -13.96
C LEU B 265 -22.09 34.02 -14.14
N ASP B 266 -21.73 34.62 -13.00
CA ASP B 266 -20.94 35.84 -12.91
C ASP B 266 -19.86 35.89 -13.98
N ARG B 267 -19.06 34.83 -13.96
CA ARG B 267 -17.76 34.83 -14.62
C ARG B 267 -17.82 34.52 -16.11
N GLU B 268 -17.03 35.25 -16.88
CA GLU B 268 -16.95 35.05 -18.32
C GLU B 268 -15.88 34.02 -18.67
N GLY B 269 -16.31 32.79 -18.92
CA GLY B 269 -15.38 31.71 -19.21
C GLY B 269 -16.06 30.38 -19.48
N PRO B 270 -15.25 29.32 -19.70
CA PRO B 270 -15.76 28.00 -20.08
C PRO B 270 -16.53 27.31 -18.95
N ILE B 271 -17.20 26.22 -19.30
CA ILE B 271 -17.83 25.36 -18.31
C ILE B 271 -16.90 24.19 -18.03
N HIS B 272 -16.40 24.11 -16.80
CA HIS B 272 -15.35 23.15 -16.46
C HIS B 272 -15.92 21.84 -15.94
N ASP B 273 -17.01 21.94 -15.18
CA ASP B 273 -17.61 20.76 -14.57
C ASP B 273 -19.01 21.07 -14.05
N VAL B 274 -19.96 20.20 -14.36
CA VAL B 274 -21.31 20.30 -13.81
C VAL B 274 -21.67 18.96 -13.19
N CYS B 275 -22.32 18.98 -12.03
CA CYS B 275 -22.57 17.76 -11.29
C CYS B 275 -23.86 17.80 -10.49
N TRP B 276 -24.66 16.76 -10.63
CA TRP B 276 -25.85 16.59 -9.79
C TRP B 276 -25.46 16.04 -8.43
N ASN B 277 -26.24 16.35 -7.41
CA ASN B 277 -26.03 15.74 -6.11
C ASN B 277 -26.84 14.45 -6.03
N ALA B 278 -26.37 13.51 -5.21
CA ALA B 278 -26.98 12.19 -5.13
C ALA B 278 -28.46 12.25 -4.76
N ASP B 279 -28.81 13.11 -3.80
CA ASP B 279 -30.20 13.23 -3.38
C ASP B 279 -31.07 13.91 -4.44
N SER B 280 -30.43 14.32 -5.54
CA SER B 280 -31.11 14.93 -6.68
C SER B 280 -31.82 16.22 -6.27
N LYS B 281 -31.26 16.92 -5.29
CA LYS B 281 -31.89 18.11 -4.73
C LYS B 281 -31.06 19.36 -4.93
N GLU B 282 -29.90 19.21 -5.55
CA GLU B 282 -29.01 20.35 -5.81
C GLU B 282 -27.96 19.98 -6.85
N PHE B 283 -27.38 20.99 -7.48
CA PHE B 283 -26.33 20.79 -8.47
C PHE B 283 -25.28 21.89 -8.39
N GLY B 284 -24.07 21.59 -8.86
CA GLY B 284 -22.97 22.53 -8.75
C GLY B 284 -22.27 22.82 -10.06
N ILE B 285 -21.81 24.05 -10.22
CA ILE B 285 -21.10 24.45 -11.42
C ILE B 285 -19.78 25.14 -11.08
N VAL B 286 -18.72 24.72 -11.75
CA VAL B 286 -17.44 25.39 -11.65
C VAL B 286 -17.17 26.09 -12.98
N TYR B 287 -17.25 27.43 -12.97
CA TYR B 287 -17.33 28.18 -14.21
C TYR B 287 -16.40 29.40 -14.29
N GLY B 288 -16.14 29.84 -15.51
CA GLY B 288 -15.47 31.11 -15.74
C GLY B 288 -13.97 31.00 -15.98
N TYR B 289 -13.39 32.10 -16.48
CA TYR B 289 -11.94 32.20 -16.59
C TYR B 289 -11.33 31.92 -15.22
N MSE B 290 -10.29 31.11 -15.18
CA MSE B 290 -9.62 30.73 -13.93
C MSE B 290 -8.97 31.94 -13.32
O MSE B 290 -8.52 32.81 -14.08
CB MSE B 290 -8.56 29.69 -14.25
CG MSE B 290 -8.48 28.63 -13.16
SE MSE B 290 -9.76 27.19 -13.56
CE MSE B 290 -8.60 26.10 -14.73
N PRO B 291 -8.90 32.03 -11.99
CA PRO B 291 -9.37 30.99 -11.05
C PRO B 291 -10.88 30.88 -11.08
N ALA B 292 -11.37 29.68 -11.36
CA ALA B 292 -12.79 29.47 -11.60
C ALA B 292 -13.64 29.81 -10.40
N LYS B 293 -14.87 30.24 -10.66
CA LYS B 293 -15.85 30.46 -9.60
C LYS B 293 -16.65 29.17 -9.44
N THR B 294 -17.32 29.03 -8.31
CA THR B 294 -18.12 27.84 -8.04
C THR B 294 -19.45 28.23 -7.42
N ALA B 295 -20.54 27.66 -7.93
CA ALA B 295 -21.88 27.99 -7.45
C ALA B 295 -22.69 26.75 -7.09
N ILE B 296 -23.36 26.80 -5.94
CA ILE B 296 -24.23 25.73 -5.51
C ILE B 296 -25.68 26.19 -5.59
N PHE B 297 -26.51 25.44 -6.33
CA PHE B 297 -27.87 25.88 -6.59
C PHE B 297 -28.93 25.09 -5.80
N ASP B 298 -30.17 25.51 -5.96
CA ASP B 298 -31.31 24.90 -5.27
C ASP B 298 -31.90 23.77 -6.13
N ASN B 299 -32.99 23.18 -5.67
CA ASN B 299 -33.74 22.22 -6.48
C ASN B 299 -34.14 22.87 -7.80
N ARG B 300 -34.73 24.06 -7.69
CA ARG B 300 -34.87 24.97 -8.80
C ARG B 300 -33.48 25.56 -8.99
N ALA B 301 -33.22 26.16 -10.14
CA ALA B 301 -31.89 26.68 -10.39
C ALA B 301 -31.78 28.03 -9.70
N ASN B 302 -31.78 27.98 -8.37
CA ASN B 302 -31.69 29.15 -7.52
C ASN B 302 -30.45 29.08 -6.65
N VAL B 303 -29.70 30.17 -6.61
CA VAL B 303 -28.44 30.21 -5.89
C VAL B 303 -28.63 29.98 -4.39
N VAL B 304 -28.21 28.82 -3.92
CA VAL B 304 -28.20 28.54 -2.49
C VAL B 304 -26.87 29.01 -1.91
N SER B 305 -25.79 28.85 -2.68
CA SER B 305 -24.47 29.20 -2.18
C SER B 305 -23.42 29.43 -3.27
N ILE B 306 -22.43 30.26 -2.95
CA ILE B 306 -21.35 30.61 -3.86
C ILE B 306 -19.99 30.31 -3.24
N ILE B 307 -19.00 30.03 -4.09
CA ILE B 307 -17.63 29.85 -3.64
C ILE B 307 -16.69 30.75 -4.45
N PRO B 308 -15.92 31.61 -3.75
CA PRO B 308 -14.99 32.57 -4.34
C PRO B 308 -14.01 31.93 -5.33
N PRO B 309 -13.48 32.73 -6.28
CA PRO B 309 -12.53 32.24 -7.29
C PRO B 309 -11.39 31.41 -6.70
N ALA B 310 -11.14 30.25 -7.31
CA ALA B 310 -10.10 29.33 -6.86
C ALA B 310 -9.65 28.45 -8.02
N PRO B 311 -8.43 27.94 -7.93
CA PRO B 311 -7.87 27.17 -9.05
C PRO B 311 -8.42 25.76 -9.00
N ARG B 312 -9.71 25.65 -9.32
CA ARG B 312 -10.40 24.37 -9.35
C ARG B 312 -11.23 24.23 -10.63
N ASN B 313 -11.32 23.02 -11.17
CA ASN B 313 -12.08 22.81 -12.39
C ASN B 313 -12.99 21.59 -12.32
N THR B 314 -13.14 21.03 -11.12
CA THR B 314 -13.92 19.82 -10.93
C THR B 314 -14.71 19.87 -9.63
N LEU B 315 -15.95 19.38 -9.67
CA LEU B 315 -16.81 19.34 -8.50
C LEU B 315 -17.44 17.95 -8.35
N ILE B 316 -17.36 17.40 -7.14
CA ILE B 316 -17.90 16.06 -6.88
C ILE B 316 -18.66 16.00 -5.55
N PHE B 317 -19.90 15.52 -5.60
CA PHE B 317 -20.69 15.33 -4.39
C PHE B 317 -20.45 13.93 -3.80
N SER B 318 -20.40 13.86 -2.48
CA SER B 318 -20.32 12.59 -1.78
C SER B 318 -21.63 11.83 -1.97
N PRO B 319 -21.58 10.49 -1.91
CA PRO B 319 -22.79 9.65 -2.01
C PRO B 319 -23.89 10.09 -1.05
N ASN B 320 -23.55 10.34 0.20
CA ASN B 320 -24.53 10.76 1.20
C ASN B 320 -24.90 12.24 1.07
N SER B 321 -24.38 12.88 0.02
CA SER B 321 -24.74 14.24 -0.35
C SER B 321 -24.39 15.28 0.72
N ARG B 322 -23.54 14.90 1.67
CA ARG B 322 -23.16 15.82 2.74
C ARG B 322 -21.94 16.66 2.37
N TYR B 323 -20.99 16.05 1.68
CA TYR B 323 -19.73 16.71 1.40
C TYR B 323 -19.63 17.20 -0.04
N ILE B 324 -18.99 18.36 -0.21
CA ILE B 324 -18.77 18.92 -1.53
C ILE B 324 -17.27 19.00 -1.81
N LEU B 325 -16.83 18.30 -2.85
CA LEU B 325 -15.41 18.23 -3.18
C LEU B 325 -15.07 19.22 -4.29
N LEU B 326 -14.18 20.16 -4.00
CA LEU B 326 -13.73 21.11 -4.99
C LEU B 326 -12.24 20.89 -5.25
N ALA B 327 -11.89 20.50 -6.47
CA ALA B 327 -10.52 20.05 -6.74
C ALA B 327 -9.86 20.74 -7.92
N GLY B 328 -8.54 20.93 -7.81
CA GLY B 328 -7.73 21.33 -8.93
C GLY B 328 -7.25 20.09 -9.65
N PHE B 329 -7.95 19.73 -10.71
CA PHE B 329 -7.80 18.42 -11.35
C PHE B 329 -6.80 18.41 -12.50
N GLY B 330 -6.02 17.33 -12.58
CA GLY B 330 -5.08 17.13 -13.68
C GLY B 330 -3.97 18.16 -13.86
N ASN B 331 -3.91 19.15 -12.97
CA ASN B 331 -2.93 20.21 -13.11
C ASN B 331 -1.89 20.25 -11.97
N LEU B 332 -0.76 20.88 -12.27
CA LEU B 332 0.33 21.08 -11.32
C LEU B 332 -0.17 21.70 -10.02
N GLN B 333 0.45 21.32 -8.90
CA GLN B 333 0.05 21.81 -7.58
C GLN B 333 -1.42 21.52 -7.30
N GLY B 334 -1.85 20.29 -7.62
CA GLY B 334 -3.23 19.88 -7.44
C GLY B 334 -3.66 19.94 -5.98
N SER B 335 -4.84 20.53 -5.73
CA SER B 335 -5.32 20.71 -4.36
C SER B 335 -6.81 20.40 -4.26
N ILE B 336 -7.21 19.75 -3.18
CA ILE B 336 -8.58 19.29 -3.02
C ILE B 336 -9.25 19.81 -1.74
N ASP B 337 -10.15 20.77 -1.90
CA ASP B 337 -10.92 21.30 -0.77
C ASP B 337 -12.16 20.45 -0.53
N ILE B 338 -12.48 20.18 0.74
CA ILE B 338 -13.71 19.48 1.08
C ILE B 338 -14.47 20.24 2.15
N PHE B 339 -15.77 20.43 1.92
CA PHE B 339 -16.61 21.21 2.82
C PHE B 339 -17.66 20.34 3.49
N ASP B 340 -18.34 20.90 4.48
CA ASP B 340 -19.42 20.19 5.17
C ASP B 340 -20.70 20.98 5.07
N ALA B 341 -21.66 20.47 4.29
CA ALA B 341 -22.96 21.12 4.15
C ALA B 341 -23.75 21.09 5.45
N ALA B 342 -23.40 20.16 6.33
CA ALA B 342 -24.06 20.03 7.62
C ALA B 342 -23.57 21.10 8.59
N ASN B 343 -22.31 21.50 8.42
CA ASN B 343 -21.75 22.62 9.16
C ASN B 343 -21.63 23.84 8.25
N ASN B 344 -22.62 24.01 7.38
CA ASN B 344 -22.73 25.15 6.47
C ASN B 344 -21.60 25.49 5.46
N MSE B 345 -21.09 24.51 4.73
CA MSE B 345 -20.01 24.79 3.80
C MSE B 345 -18.75 25.14 4.54
O MSE B 345 -17.98 26.00 4.06
CB MSE B 345 -20.43 25.97 2.92
CG MSE B 345 -20.43 25.60 1.45
SE MSE B 345 -21.17 23.80 1.19
CE MSE B 345 -20.76 23.61 -0.73
N LYS B 346 -18.52 24.49 5.68
CA LYS B 346 -17.27 24.68 6.41
C LYS B 346 -16.16 23.87 5.77
N LYS B 347 -15.08 24.55 5.38
CA LYS B 347 -14.01 23.82 4.76
C LYS B 347 -13.44 23.02 5.90
N ILE B 348 -13.55 21.71 5.76
CA ILE B 348 -13.02 20.77 6.75
C ILE B 348 -11.59 20.52 6.29
N THR B 349 -11.43 20.07 5.05
CA THR B 349 -10.10 19.69 4.56
C THR B 349 -9.61 20.31 3.26
N THR B 350 -8.30 20.43 3.14
CA THR B 350 -7.65 20.77 1.89
C THR B 350 -6.35 19.99 1.75
N VAL B 351 -6.39 18.92 0.96
CA VAL B 351 -5.21 18.07 0.75
C VAL B 351 -4.46 18.51 -0.50
N GLU B 352 -3.26 17.95 -0.68
CA GLU B 352 -2.45 18.26 -1.85
C GLU B 352 -2.14 17.00 -2.66
N ALA B 353 -3.07 16.63 -3.53
CA ALA B 353 -2.84 15.57 -4.51
C ALA B 353 -2.37 16.21 -5.80
N ALA B 354 -1.06 16.16 -6.03
CA ALA B 354 -0.48 16.76 -7.23
C ALA B 354 -0.73 15.89 -8.45
N ASN B 355 -1.14 16.53 -9.55
CA ASN B 355 -1.34 15.85 -10.83
C ASN B 355 -2.33 14.69 -10.77
N CYS B 356 -3.36 14.82 -9.94
CA CYS B 356 -4.38 13.79 -9.82
C CYS B 356 -5.13 13.57 -11.13
N THR B 357 -5.33 12.31 -11.49
CA THR B 357 -6.02 11.97 -12.73
C THR B 357 -7.34 11.25 -12.46
N TYR B 358 -7.59 10.95 -11.19
CA TYR B 358 -8.81 10.27 -10.79
C TYR B 358 -9.11 10.54 -9.33
N CYS B 359 -10.34 10.96 -9.03
CA CYS B 359 -10.74 11.22 -7.65
C CYS B 359 -12.14 10.67 -7.40
N GLU B 360 -12.33 9.96 -6.29
CA GLU B 360 -13.59 9.29 -6.03
C GLU B 360 -13.84 8.99 -4.57
N PHE B 361 -15.01 9.37 -4.07
CA PHE B 361 -15.44 9.03 -2.72
C PHE B 361 -15.65 7.53 -2.57
N SER B 362 -15.37 7.02 -1.39
CA SER B 362 -15.75 5.65 -1.05
C SER B 362 -17.26 5.59 -0.85
N PRO B 363 -17.87 4.41 -1.04
CA PRO B 363 -19.31 4.23 -0.83
C PRO B 363 -19.79 4.72 0.53
N ASP B 364 -19.00 4.47 1.57
CA ASP B 364 -19.34 4.91 2.92
C ASP B 364 -19.14 6.41 3.07
N SER B 365 -18.61 7.04 2.02
CA SER B 365 -18.31 8.47 1.98
C SER B 365 -17.25 8.87 3.00
N GLN B 366 -16.49 7.91 3.51
CA GLN B 366 -15.51 8.25 4.53
C GLN B 366 -14.06 8.04 4.10
N PHE B 367 -13.84 7.63 2.86
CA PHE B 367 -12.49 7.58 2.32
C PHE B 367 -12.43 8.20 0.93
N LEU B 368 -11.23 8.33 0.38
CA LEU B 368 -11.05 9.04 -0.87
C LEU B 368 -9.88 8.46 -1.66
N LEU B 369 -10.19 7.81 -2.78
CA LEU B 369 -9.15 7.31 -3.66
C LEU B 369 -8.83 8.34 -4.73
N THR B 370 -7.57 8.80 -4.77
CA THR B 370 -7.08 9.42 -6.01
C THR B 370 -5.96 8.60 -6.60
N ALA B 371 -5.82 8.75 -7.91
CA ALA B 371 -4.84 8.02 -8.67
C ALA B 371 -4.18 8.94 -9.66
N VAL B 372 -2.91 8.67 -9.92
CA VAL B 372 -2.20 9.31 -11.01
C VAL B 372 -1.90 8.22 -12.02
N THR B 373 -2.46 8.35 -13.21
CA THR B 373 -2.40 7.26 -14.19
C THR B 373 -1.73 7.65 -15.50
N SER B 374 -1.44 6.63 -16.31
CA SER B 374 -0.92 6.81 -17.65
C SER B 374 -2.07 6.91 -18.64
N PRO B 375 -1.82 7.47 -19.85
CA PRO B 375 -0.57 8.04 -20.35
C PRO B 375 -0.50 9.54 -20.18
N ARG B 376 -1.53 10.14 -19.58
CA ARG B 376 -1.62 11.58 -19.40
C ARG B 376 -0.34 12.13 -18.79
N LEU B 377 0.14 11.45 -17.74
CA LEU B 377 1.48 11.67 -17.23
C LEU B 377 2.03 10.39 -16.64
N ARG B 378 3.32 10.15 -16.85
CA ARG B 378 3.94 8.88 -16.50
C ARG B 378 4.99 9.05 -15.39
N VAL B 379 4.89 10.15 -14.66
CA VAL B 379 5.78 10.46 -13.55
C VAL B 379 5.07 10.26 -12.22
N ASP B 380 5.60 9.34 -11.41
CA ASP B 380 5.07 9.04 -10.06
C ASP B 380 3.58 8.75 -10.07
N ASN B 381 3.22 7.94 -11.03
CA ASN B 381 2.07 7.08 -11.00
C ASN B 381 1.77 6.35 -9.70
N SER B 382 0.55 6.54 -9.21
CA SER B 382 0.19 6.17 -7.84
C SER B 382 -1.31 5.99 -7.52
N ILE B 383 -1.56 5.28 -6.44
CA ILE B 383 -2.87 5.25 -5.79
C ILE B 383 -2.75 5.83 -4.39
N LYS B 384 -3.69 6.66 -4.00
CA LYS B 384 -3.69 7.18 -2.64
C LYS B 384 -5.07 7.05 -2.02
N ILE B 385 -5.12 6.88 -0.71
CA ILE B 385 -6.38 6.84 0.01
C ILE B 385 -6.30 7.73 1.25
N TRP B 386 -7.15 8.76 1.33
CA TRP B 386 -7.23 9.62 2.51
C TRP B 386 -8.51 9.40 3.31
N HIS B 387 -8.51 9.96 4.51
CA HIS B 387 -9.75 10.26 5.20
C HIS B 387 -10.12 11.72 4.89
N ILE B 388 -11.41 12.02 4.82
CA ILE B 388 -11.87 13.38 4.55
C ILE B 388 -11.32 14.34 5.59
N THR B 389 -11.00 13.81 6.77
CA THR B 389 -10.31 14.59 7.80
C THR B 389 -8.98 15.11 7.25
N GLY B 390 -8.40 14.35 6.34
CA GLY B 390 -7.18 14.76 5.67
C GLY B 390 -6.02 13.80 5.90
N ALA B 391 -6.26 12.83 6.78
CA ALA B 391 -5.21 11.87 7.15
C ALA B 391 -5.06 10.76 6.13
N PRO B 392 -3.88 10.67 5.51
CA PRO B 392 -3.55 9.57 4.59
C PRO B 392 -3.65 8.23 5.30
N MSE B 393 -4.10 7.18 4.59
CA MSE B 393 -4.14 5.83 5.14
C MSE B 393 -3.51 4.78 4.25
O MSE B 393 -3.33 3.63 4.70
CB MSE B 393 -5.56 5.43 5.49
CG MSE B 393 -6.56 5.86 4.42
SE MSE B 393 -8.37 5.54 5.10
CE MSE B 393 -8.15 6.37 6.88
N PHE B 394 -3.19 5.13 3.00
CA PHE B 394 -2.61 4.19 2.06
C PHE B 394 -2.01 4.93 0.87
N TYR B 395 -0.93 4.37 0.35
CA TYR B 395 -0.25 4.92 -0.82
C TYR B 395 0.61 3.85 -1.46
N GLU B 396 0.58 3.77 -2.78
CA GLU B 396 1.48 2.89 -3.50
C GLU B 396 1.91 3.50 -4.82
N GLU B 397 3.22 3.51 -5.06
CA GLU B 397 3.75 3.92 -6.36
C GLU B 397 3.60 2.82 -7.37
N PHE B 398 3.23 3.21 -8.60
CA PHE B 398 3.14 2.28 -9.71
C PHE B 398 4.11 2.70 -10.80
N ASN B 399 4.71 1.73 -11.47
CA ASN B 399 5.51 2.02 -12.65
C ASN B 399 4.59 2.57 -13.74
N GLU B 400 3.53 1.83 -14.02
CA GLU B 400 2.51 2.29 -14.95
C GLU B 400 1.11 1.97 -14.42
N LEU B 401 0.38 3.01 -14.03
CA LEU B 401 -1.00 2.83 -13.58
C LEU B 401 -1.95 3.30 -14.68
N TYR B 402 -3.03 2.54 -14.87
CA TYR B 402 -3.98 2.85 -15.95
C TYR B 402 -5.33 3.21 -15.37
N GLN B 403 -5.78 2.39 -14.42
CA GLN B 403 -7.07 2.57 -13.78
C GLN B 403 -7.03 2.28 -12.28
N ALA B 404 -7.98 2.86 -11.56
CA ALA B 404 -8.12 2.64 -10.13
C ALA B 404 -9.47 3.18 -9.69
N PHE B 405 -10.25 2.37 -8.96
CA PHE B 405 -11.60 2.77 -8.57
C PHE B 405 -12.18 1.89 -7.46
N TRP B 406 -13.03 2.48 -6.63
CA TRP B 406 -13.72 1.75 -5.57
C TRP B 406 -14.66 0.69 -6.12
N ARG B 407 -15.00 -0.29 -5.30
CA ARG B 407 -16.12 -1.16 -5.61
C ARG B 407 -17.39 -0.48 -5.12
N PRO B 408 -18.30 -0.15 -6.05
CA PRO B 408 -19.54 0.55 -5.73
C PRO B 408 -20.41 -0.21 -4.74
N ARG B 409 -21.14 0.53 -3.91
CA ARG B 409 -22.06 -0.04 -2.93
C ARG B 409 -23.25 0.87 -2.74
N PRO B 410 -24.20 0.85 -3.69
CA PRO B 410 -25.28 1.83 -3.79
C PRO B 410 -26.18 1.94 -2.56
N LEU B 411 -26.64 3.16 -2.29
CA LEU B 411 -27.51 3.50 -1.16
C LEU B 411 -26.93 3.04 0.17
N ASN B 412 -25.60 2.87 0.22
CA ASN B 412 -24.92 2.52 1.46
C ASN B 412 -23.41 2.69 1.21
#